data_5BYS
#
_entry.id   5BYS
#
_cell.length_a   89.830
_cell.length_b   73.130
_cell.length_c   103.040
_cell.angle_alpha   90.000
_cell.angle_beta   96.600
_cell.angle_gamma   90.000
#
_symmetry.space_group_name_H-M   'P 1 21 1'
#
loop_
_entity.id
_entity.type
_entity.pdbx_description
1 polymer 'Iron hydrogenase 1'
2 non-polymer 'IRON/SULFUR CLUSTER'
3 non-polymer 'FE2/S2 (INORGANIC) CLUSTER'
4 non-polymer bis(cyanido-kappaC)(dicarbonyl)-mu-(oxomethylidene)-mu-(sulfanediyldimethanethiolatato-1kappaS:2kappaS)diiron(2+)
5 non-polymer 'MAGNESIUM ION'
6 water water
#
_entity_poly.entity_id   1
_entity_poly.type   'polypeptide(L)'
_entity_poly.pdbx_seq_one_letter_code
;MKTIIINGVQFNTDEDTTILKFARDNNIDISALCFLNNCNNDINKCEICTVEVEGTGLVTACDTLIEDGMIINTNSDAVN
EKIKSRISQLLDIHEFKCGPCNRRENCEFLKLVIKYKARASKPFLPKDKTEYVDERSKSLTVDRTKCLLCGRCVNACGKN
TETYAMKFLNKNGKTIIGAEDEKCFDDTNCLLCGQCIIACPVAALSEKSHMDRVKNALNAPEKHVIVAMAPSVRASIGEL
FNMGFGVDVTGKIYTALRQLGFDKIFDINFGADMTIMEEATELVQRIENNGPFPMFTSCCPGWVRQAENYYPELLNNLSS
AKSPQQIFGTASKTYYPSISGLDPKNVFTVTVMPCTSKKFEADRPQMEKDGLRDIDAVITTRELAKMIKDAKIPFAKLED
SEADPAMGEYSGAGAIFGATGGVMEAALRSAKDFAENAELEDIEYKQVRGLNGIKEAEVEINNNKYNVAVINGASNLFKF
MKSGMINEKQYHFIEVMACHGGCVNGGGQPHVNPKDLEKVDIKKVRASVLYNQDEHLSKRKSHENTALVKMYQNYFGKPG
EGRAHEILHFKYKKSAWSHPQFEK
;
_entity_poly.pdbx_strand_id   A,B
#
loop_
_chem_comp.id
_chem_comp.type
_chem_comp.name
_chem_comp.formula
4WX non-polymer bis(cyanido-kappaC)(dicarbonyl)-mu-(oxomethylidene)-mu-(sulfanediyldimethanethiolatato-1kappaS:2kappaS)diiron(2+) 'C7 H4 Fe2 N2 O3 S3 2'
FES non-polymer 'FE2/S2 (INORGANIC) CLUSTER' 'Fe2 S2'
MG non-polymer 'MAGNESIUM ION' 'Mg 2'
SF4 non-polymer 'IRON/SULFUR CLUSTER' 'Fe4 S4'
#
# COMPACT_ATOMS: atom_id res chain seq x y z
N LYS A 2 -1.85 -26.00 14.83
CA LYS A 2 -3.12 -25.38 15.24
C LYS A 2 -4.31 -26.31 15.00
N THR A 3 -5.12 -26.53 16.04
CA THR A 3 -6.36 -27.29 15.93
C THR A 3 -7.57 -26.34 16.00
N ILE A 4 -8.39 -26.38 14.97
CA ILE A 4 -9.53 -25.48 14.86
C ILE A 4 -10.81 -26.29 14.65
N ILE A 5 -11.85 -26.00 15.42
CA ILE A 5 -13.18 -26.60 15.22
C ILE A 5 -14.17 -25.58 14.60
N ILE A 6 -14.71 -25.90 13.45
CA ILE A 6 -15.73 -25.08 12.82
C ILE A 6 -16.97 -25.90 12.52
N ASN A 7 -18.10 -25.54 13.12
CA ASN A 7 -19.36 -26.26 12.95
C ASN A 7 -19.18 -27.77 13.17
N GLY A 8 -18.35 -28.08 14.17
CA GLY A 8 -18.13 -29.44 14.63
C GLY A 8 -17.06 -30.20 13.87
N VAL A 9 -16.46 -29.56 12.86
CA VAL A 9 -15.46 -30.20 12.01
C VAL A 9 -14.08 -29.74 12.49
N GLN A 10 -13.23 -30.70 12.83
CA GLN A 10 -11.88 -30.40 13.26
C GLN A 10 -10.90 -30.27 12.08
N PHE A 11 -10.13 -29.19 12.11
CA PHE A 11 -9.06 -28.99 11.15
C PHE A 11 -7.78 -28.90 11.92
N ASN A 12 -6.72 -29.38 11.29
CA ASN A 12 -5.38 -29.20 11.82
C ASN A 12 -4.60 -28.44 10.78
N THR A 13 -4.02 -27.32 11.19
CA THR A 13 -3.40 -26.43 10.23
C THR A 13 -2.25 -25.62 10.85
N ASP A 14 -1.26 -25.27 10.02
CA ASP A 14 -0.22 -24.33 10.46
C ASP A 14 -0.48 -22.94 9.86
N GLU A 15 -1.56 -22.82 9.10
CA GLU A 15 -1.88 -21.57 8.42
C GLU A 15 -2.02 -20.43 9.42
N ASP A 16 -1.49 -19.28 9.01
CA ASP A 16 -1.72 -18.04 9.74
C ASP A 16 -2.57 -17.17 8.85
N THR A 17 -3.87 -17.11 9.15
CA THR A 17 -4.83 -16.40 8.29
C THR A 17 -6.10 -16.06 9.10
N THR A 18 -7.06 -15.42 8.44
CA THR A 18 -8.30 -15.07 9.14
C THR A 18 -9.30 -16.23 9.11
N ILE A 19 -10.27 -16.19 10.03
CA ILE A 19 -11.36 -17.16 10.03
C ILE A 19 -12.07 -17.21 8.68
N LEU A 20 -12.34 -16.03 8.10
CA LEU A 20 -13.01 -15.92 6.80
C LEU A 20 -12.27 -16.64 5.69
N LYS A 21 -10.98 -16.37 5.57
CA LYS A 21 -10.20 -16.93 4.50
C LYS A 21 -10.02 -18.43 4.76
N PHE A 22 -9.82 -18.84 6.00
CA PHE A 22 -9.68 -20.26 6.24
C PHE A 22 -10.98 -21.02 5.95
N ALA A 23 -12.09 -20.47 6.42
CA ALA A 23 -13.40 -21.05 6.16
C ALA A 23 -13.65 -21.13 4.65
N ARG A 24 -13.33 -20.06 3.94
CA ARG A 24 -13.58 -20.03 2.49
C ARG A 24 -12.72 -21.07 1.76
N ASP A 25 -11.47 -21.22 2.18
CA ASP A 25 -10.59 -22.25 1.60
C ASP A 25 -11.06 -23.68 1.87
N ASN A 26 -11.98 -23.85 2.80
CA ASN A 26 -12.44 -25.17 3.22
C ASN A 26 -13.92 -25.34 2.96
N ASN A 27 -14.41 -24.54 2.02
CA ASN A 27 -15.78 -24.56 1.55
C ASN A 27 -16.81 -24.47 2.67
N ILE A 28 -16.52 -23.61 3.63
CA ILE A 28 -17.46 -23.28 4.67
C ILE A 28 -17.96 -21.86 4.41
N ASP A 29 -19.28 -21.72 4.35
CA ASP A 29 -19.88 -20.46 3.93
C ASP A 29 -19.86 -19.41 5.03
N ILE A 30 -19.25 -18.28 4.74
CA ILE A 30 -19.34 -17.12 5.63
C ILE A 30 -19.62 -15.94 4.73
N SER A 31 -20.66 -15.17 5.06
CA SER A 31 -20.97 -13.97 4.28
C SER A 31 -20.03 -12.84 4.65
N ALA A 32 -19.93 -11.89 3.74
CA ALA A 32 -19.11 -10.70 3.96
C ALA A 32 -19.70 -9.57 3.11
N LEU A 33 -19.42 -8.34 3.50
CA LEU A 33 -19.88 -7.22 2.72
C LEU A 33 -18.74 -6.22 2.62
N CYS A 34 -18.32 -5.65 3.74
CA CYS A 34 -17.36 -4.56 3.63
C CYS A 34 -15.92 -5.06 3.40
N PHE A 35 -15.68 -6.36 3.54
CA PHE A 35 -14.38 -6.93 3.16
C PHE A 35 -14.14 -7.06 1.65
N LEU A 36 -13.09 -6.43 1.17
CA LEU A 36 -12.69 -6.49 -0.24
C LEU A 36 -11.23 -6.02 -0.38
N ASN A 37 -10.51 -6.46 -1.40
CA ASN A 37 -9.11 -6.02 -1.58
C ASN A 37 -8.31 -6.25 -0.29
N ASN A 38 -8.66 -7.28 0.46
CA ASN A 38 -7.95 -7.63 1.66
C ASN A 38 -8.05 -6.58 2.76
N CYS A 39 -9.10 -5.76 2.71
CA CYS A 39 -9.39 -4.73 3.70
C CYS A 39 -10.85 -4.78 4.11
N ASN A 40 -11.16 -4.50 5.36
CA ASN A 40 -12.55 -4.23 5.75
C ASN A 40 -12.68 -2.78 6.18
N ASN A 41 -13.89 -2.40 6.60
CA ASN A 41 -14.14 -1.01 7.00
C ASN A 41 -13.82 -0.85 8.47
N ASP A 42 -12.62 -0.33 8.77
CA ASP A 42 -12.07 -0.41 10.12
C ASP A 42 -12.88 0.36 11.15
N ILE A 43 -13.42 1.49 10.74
CA ILE A 43 -14.37 2.22 11.54
C ILE A 43 -15.75 1.81 11.06
N ASN A 44 -16.65 1.51 11.97
CA ASN A 44 -18.00 1.07 11.57
C ASN A 44 -18.00 -0.17 10.66
N LYS A 45 -17.38 -1.25 11.15
CA LYS A 45 -17.42 -2.61 10.53
C LYS A 45 -18.82 -3.08 10.24
N CYS A 46 -19.07 -3.63 9.04
CA CYS A 46 -20.41 -4.07 8.69
C CYS A 46 -20.88 -5.26 9.54
N GLU A 47 -19.93 -6.05 10.06
CA GLU A 47 -20.24 -7.23 10.89
C GLU A 47 -21.11 -8.27 10.19
N ILE A 48 -21.17 -8.25 8.86
CA ILE A 48 -21.88 -9.28 8.10
C ILE A 48 -21.12 -10.64 8.18
N CYS A 49 -19.81 -10.61 8.43
CA CYS A 49 -18.97 -11.80 8.55
C CYS A 49 -18.97 -12.33 9.99
N THR A 50 -19.98 -11.97 10.77
CA THR A 50 -20.03 -12.41 12.14
C THR A 50 -20.05 -13.93 12.28
N VAL A 51 -19.24 -14.45 13.20
CA VAL A 51 -19.30 -15.87 13.57
C VAL A 51 -19.17 -15.91 15.08
N GLU A 52 -19.44 -17.08 15.66
CA GLU A 52 -19.33 -17.26 17.11
C GLU A 52 -18.10 -18.07 17.46
N VAL A 53 -17.23 -17.49 18.29
CA VAL A 53 -16.07 -18.20 18.82
C VAL A 53 -16.34 -18.51 20.29
N GLU A 54 -16.42 -19.81 20.61
CA GLU A 54 -16.79 -20.22 21.94
C GLU A 54 -15.78 -19.72 22.98
N GLY A 55 -16.32 -19.11 24.04
CA GLY A 55 -15.49 -18.54 25.08
C GLY A 55 -15.24 -17.05 24.83
N THR A 56 -15.51 -16.59 23.62
CA THR A 56 -15.24 -15.20 23.26
C THR A 56 -16.50 -14.44 22.88
N GLY A 57 -17.39 -15.10 22.13
CA GLY A 57 -18.64 -14.49 21.68
C GLY A 57 -18.60 -14.22 20.19
N LEU A 58 -19.35 -13.21 19.74
CA LEU A 58 -19.42 -12.87 18.33
C LEU A 58 -18.18 -12.08 17.90
N VAL A 59 -17.58 -12.52 16.81
CA VAL A 59 -16.40 -11.90 16.24
C VAL A 59 -16.60 -11.69 14.74
N THR A 60 -15.87 -10.74 14.17
CA THR A 60 -15.84 -10.55 12.73
C THR A 60 -14.79 -11.47 12.09
N ALA A 61 -15.27 -12.39 11.27
CA ALA A 61 -14.39 -13.41 10.71
C ALA A 61 -13.41 -12.81 9.71
N CYS A 62 -13.75 -11.67 9.09
CA CYS A 62 -12.87 -11.16 8.05
C CYS A 62 -11.56 -10.53 8.57
N ASP A 63 -11.48 -10.22 9.85
CA ASP A 63 -10.27 -9.56 10.40
C ASP A 63 -9.85 -10.14 11.77
N THR A 64 -10.29 -11.37 12.03
CA THR A 64 -9.93 -12.11 13.25
C THR A 64 -9.11 -13.33 12.83
N LEU A 65 -7.89 -13.43 13.32
CA LEU A 65 -7.02 -14.54 12.97
C LEU A 65 -7.49 -15.79 13.67
N ILE A 66 -7.35 -16.92 12.99
CA ILE A 66 -7.56 -18.21 13.62
C ILE A 66 -6.47 -18.41 14.69
N GLU A 67 -6.86 -19.02 15.80
CA GLU A 67 -5.95 -19.41 16.87
C GLU A 67 -6.17 -20.89 17.25
N ASP A 68 -5.09 -21.62 17.58
CA ASP A 68 -5.24 -22.98 18.06
C ASP A 68 -6.25 -23.09 19.19
N GLY A 69 -7.11 -24.08 19.15
CA GLY A 69 -8.10 -24.27 20.18
C GLY A 69 -9.43 -23.54 19.96
N MET A 70 -9.55 -22.76 18.89
CA MET A 70 -10.80 -22.05 18.60
C MET A 70 -11.91 -23.02 18.27
N ILE A 71 -13.11 -22.78 18.81
CA ILE A 71 -14.30 -23.52 18.40
C ILE A 71 -15.32 -22.52 17.82
N ILE A 72 -15.61 -22.69 16.53
CA ILE A 72 -16.30 -21.66 15.76
C ILE A 72 -17.63 -22.17 15.24
N ASN A 73 -18.66 -21.37 15.42
CA ASN A 73 -19.97 -21.62 14.82
C ASN A 73 -20.35 -20.47 13.91
N THR A 74 -20.59 -20.79 12.65
CA THR A 74 -20.88 -19.79 11.63
C THR A 74 -22.35 -19.61 11.35
N ASN A 75 -23.18 -20.43 11.98
CA ASN A 75 -24.55 -20.56 11.55
C ASN A 75 -25.46 -20.82 12.73
N SER A 76 -25.05 -20.33 13.89
CA SER A 76 -25.87 -20.41 15.10
C SER A 76 -26.95 -19.35 15.05
N ASP A 77 -28.00 -19.56 15.84
CA ASP A 77 -29.12 -18.62 15.87
C ASP A 77 -28.64 -17.23 16.28
N ALA A 78 -27.75 -17.13 17.25
CA ALA A 78 -27.21 -15.83 17.63
C ALA A 78 -26.48 -15.15 16.44
N VAL A 79 -25.72 -15.92 15.69
CA VAL A 79 -24.96 -15.36 14.56
C VAL A 79 -25.94 -14.79 13.53
N ASN A 80 -26.90 -15.61 13.14
CA ASN A 80 -27.74 -15.24 12.01
C ASN A 80 -28.62 -14.06 12.39
N GLU A 81 -29.04 -14.01 13.65
CA GLU A 81 -29.83 -12.90 14.15
C GLU A 81 -29.04 -11.58 14.14
N LYS A 82 -27.76 -11.62 14.53
CA LYS A 82 -26.88 -10.45 14.41
C LYS A 82 -26.75 -9.98 12.94
N ILE A 83 -26.35 -10.89 12.06
CA ILE A 83 -26.21 -10.55 10.64
C ILE A 83 -27.51 -10.01 10.05
N LYS A 84 -28.62 -10.70 10.33
CA LYS A 84 -29.93 -10.26 9.87
C LYS A 84 -30.23 -8.84 10.38
N SER A 85 -29.90 -8.59 11.64
CA SER A 85 -30.08 -7.27 12.23
C SER A 85 -29.25 -6.18 11.53
N ARG A 86 -28.01 -6.49 11.17
CA ARG A 86 -27.16 -5.49 10.51
C ARG A 86 -27.69 -5.18 9.11
N ILE A 87 -28.20 -6.19 8.41
CA ILE A 87 -28.74 -6.03 7.07
C ILE A 87 -30.03 -5.19 7.14
N SER A 88 -30.85 -5.47 8.15
CA SER A 88 -32.11 -4.75 8.34
C SER A 88 -31.80 -3.26 8.59
N GLN A 89 -30.78 -3.00 9.41
CA GLN A 89 -30.32 -1.64 9.67
C GLN A 89 -29.86 -0.91 8.40
N LEU A 90 -29.22 -1.65 7.48
CA LEU A 90 -28.82 -1.05 6.21
C LEU A 90 -30.05 -0.77 5.34
N LEU A 91 -31.06 -1.64 5.41
CA LEU A 91 -32.27 -1.42 4.65
C LEU A 91 -32.94 -0.13 5.11
N ASP A 92 -32.80 0.20 6.40
CA ASP A 92 -33.33 1.45 6.95
C ASP A 92 -32.72 2.72 6.32
N ILE A 93 -31.60 2.60 5.63
CA ILE A 93 -30.98 3.75 4.98
C ILE A 93 -30.80 3.50 3.48
N HIS A 94 -31.59 2.57 2.96
CA HIS A 94 -31.42 2.11 1.60
C HIS A 94 -32.71 2.12 0.79
N GLU A 95 -32.69 2.86 -0.33
CA GLU A 95 -33.86 2.92 -1.21
C GLU A 95 -33.95 1.63 -1.98
N PHE A 96 -34.71 0.71 -1.40
CA PHE A 96 -34.79 -0.66 -1.87
C PHE A 96 -35.85 -0.74 -2.98
N LYS A 97 -35.44 -0.36 -4.19
CA LYS A 97 -36.30 -0.38 -5.36
C LYS A 97 -35.51 -0.92 -6.51
N CYS A 98 -35.41 -2.26 -6.59
CA CYS A 98 -34.50 -2.93 -7.50
C CYS A 98 -34.95 -2.86 -8.96
N GLY A 99 -36.27 -2.78 -9.18
CA GLY A 99 -36.85 -2.80 -10.51
C GLY A 99 -36.11 -1.98 -11.55
N PRO A 100 -36.01 -0.67 -11.33
CA PRO A 100 -35.27 0.16 -12.28
C PRO A 100 -33.77 0.28 -11.93
N CYS A 101 -33.28 -0.43 -10.92
CA CYS A 101 -31.90 -0.20 -10.45
C CYS A 101 -30.85 -0.73 -11.43
N ASN A 102 -29.76 0.02 -11.63
CA ASN A 102 -28.78 -0.43 -12.62
C ASN A 102 -27.88 -1.57 -12.13
N ARG A 103 -28.04 -2.00 -10.87
CA ARG A 103 -27.31 -3.18 -10.35
C ARG A 103 -28.24 -4.37 -10.07
N ARG A 104 -29.47 -4.28 -10.58
CA ARG A 104 -30.54 -5.22 -10.32
C ARG A 104 -30.09 -6.66 -10.49
N GLU A 105 -29.34 -6.89 -11.54
CA GLU A 105 -28.92 -8.22 -11.93
C GLU A 105 -27.65 -8.77 -11.26
N ASN A 106 -26.88 -7.93 -10.59
CA ASN A 106 -25.64 -8.38 -9.96
C ASN A 106 -25.30 -7.58 -8.72
N CYS A 107 -26.29 -7.37 -7.88
CA CYS A 107 -26.11 -6.60 -6.65
C CYS A 107 -25.76 -7.45 -5.45
N GLU A 108 -24.74 -7.05 -4.71
CA GLU A 108 -24.28 -7.87 -3.59
C GLU A 108 -25.23 -7.74 -2.43
N PHE A 109 -25.75 -6.54 -2.22
CA PHE A 109 -26.61 -6.27 -1.09
C PHE A 109 -27.93 -7.05 -1.25
N LEU A 110 -28.48 -7.06 -2.46
CA LEU A 110 -29.74 -7.75 -2.68
C LEU A 110 -29.60 -9.25 -2.35
N LYS A 111 -28.47 -9.86 -2.74
CA LYS A 111 -28.25 -11.27 -2.47
C LYS A 111 -28.24 -11.53 -0.95
N LEU A 112 -27.72 -10.58 -0.21
CA LEU A 112 -27.61 -10.69 1.23
C LEU A 112 -28.99 -10.51 1.85
N VAL A 113 -29.75 -9.57 1.31
CA VAL A 113 -31.12 -9.36 1.77
C VAL A 113 -31.96 -10.62 1.55
N ILE A 114 -31.83 -11.24 0.38
CA ILE A 114 -32.56 -12.47 0.09
C ILE A 114 -32.09 -13.64 0.94
N LYS A 115 -30.78 -13.71 1.20
CA LYS A 115 -30.22 -14.84 1.93
C LYS A 115 -30.66 -14.83 3.40
N TYR A 116 -30.70 -13.66 4.03
CA TYR A 116 -31.07 -13.56 5.44
C TYR A 116 -32.53 -13.16 5.66
N LYS A 117 -33.28 -13.06 4.56
CA LYS A 117 -34.68 -12.62 4.58
C LYS A 117 -34.89 -11.38 5.45
N ALA A 118 -34.00 -10.41 5.28
CA ALA A 118 -34.03 -9.21 6.11
C ALA A 118 -35.08 -8.24 5.62
N ARG A 119 -35.59 -7.45 6.57
CA ARG A 119 -36.58 -6.40 6.30
C ARG A 119 -36.23 -5.13 7.05
N ALA A 120 -36.45 -3.98 6.40
CA ALA A 120 -36.27 -2.70 7.07
C ALA A 120 -37.23 -2.56 8.27
N SER A 121 -36.78 -1.94 9.35
CA SER A 121 -37.71 -1.51 10.38
C SER A 121 -38.68 -0.51 9.77
N LYS A 122 -38.13 0.58 9.24
CA LYS A 122 -38.87 1.59 8.48
C LYS A 122 -38.28 1.72 7.08
N PRO A 123 -39.04 1.33 6.03
CA PRO A 123 -38.54 1.48 4.66
C PRO A 123 -38.02 2.88 4.39
N PHE A 124 -36.93 2.97 3.62
CA PHE A 124 -36.33 4.24 3.30
C PHE A 124 -36.83 4.66 1.94
N LEU A 125 -37.55 5.77 1.91
CA LEU A 125 -38.26 6.18 0.71
C LEU A 125 -38.27 7.71 0.63
N PRO A 126 -37.10 8.31 0.34
CA PRO A 126 -37.04 9.77 0.25
C PRO A 126 -37.84 10.23 -0.95
N LYS A 127 -38.48 11.38 -0.84
CA LYS A 127 -39.25 11.89 -1.98
C LYS A 127 -38.36 12.76 -2.87
N ASP A 128 -37.47 13.52 -2.23
CA ASP A 128 -36.55 14.38 -2.98
C ASP A 128 -35.12 13.84 -2.99
N LYS A 129 -34.86 12.91 -3.89
CA LYS A 129 -33.52 12.31 -4.01
C LYS A 129 -32.45 13.30 -4.34
N THR A 130 -32.86 14.50 -4.75
CA THR A 130 -31.96 15.49 -5.32
C THR A 130 -30.78 15.76 -4.39
N GLU A 131 -31.05 15.85 -3.09
CA GLU A 131 -29.99 16.08 -2.13
C GLU A 131 -29.04 14.87 -2.05
N TYR A 132 -29.52 13.69 -2.40
CA TYR A 132 -28.73 12.46 -2.29
C TYR A 132 -27.86 12.13 -3.49
N VAL A 133 -28.10 12.81 -4.62
CA VAL A 133 -27.44 12.49 -5.89
C VAL A 133 -26.48 13.58 -6.31
N ASP A 134 -25.33 13.15 -6.84
CA ASP A 134 -24.33 14.06 -7.36
C ASP A 134 -23.97 13.60 -8.76
N GLU A 135 -24.48 14.31 -9.77
CA GLU A 135 -24.16 14.08 -11.17
C GLU A 135 -23.34 15.21 -11.82
N ARG A 136 -22.63 15.98 -11.02
CA ARG A 136 -21.84 17.09 -11.54
C ARG A 136 -20.70 16.62 -12.43
N SER A 137 -20.13 15.46 -12.10
CA SER A 137 -18.96 14.99 -12.82
C SER A 137 -19.25 14.60 -14.26
N LYS A 138 -18.28 14.79 -15.13
CA LYS A 138 -18.37 14.27 -16.49
C LYS A 138 -18.21 12.74 -16.51
N SER A 139 -17.80 12.12 -15.39
CA SER A 139 -17.38 10.72 -15.36
C SER A 139 -18.08 9.89 -14.35
N LEU A 140 -18.24 10.40 -13.14
CA LEU A 140 -18.77 9.62 -12.04
C LEU A 140 -20.07 10.17 -11.56
N THR A 141 -20.90 9.33 -10.94
CA THR A 141 -22.08 9.83 -10.26
C THR A 141 -22.28 9.06 -8.97
N VAL A 142 -22.92 9.73 -8.04
CA VAL A 142 -23.15 9.20 -6.71
C VAL A 142 -24.64 9.22 -6.43
N ASP A 143 -25.14 8.12 -5.89
CA ASP A 143 -26.54 8.05 -5.40
C ASP A 143 -26.51 7.51 -4.00
N ARG A 144 -26.59 8.41 -3.04
CA ARG A 144 -26.37 8.07 -1.66
C ARG A 144 -27.57 7.40 -1.02
N THR A 145 -28.68 7.31 -1.76
CA THR A 145 -29.83 6.51 -1.30
C THR A 145 -29.52 5.01 -1.38
N LYS A 146 -28.46 4.67 -2.10
CA LYS A 146 -28.00 3.27 -2.21
C LYS A 146 -26.81 2.95 -1.31
N CYS A 147 -26.17 3.98 -0.74
CA CYS A 147 -24.86 3.79 -0.11
C CYS A 147 -24.94 3.14 1.26
N LEU A 148 -24.20 2.05 1.40
CA LEU A 148 -24.12 1.27 2.62
C LEU A 148 -23.06 1.72 3.61
N LEU A 149 -22.33 2.77 3.23
CA LEU A 149 -21.12 3.26 3.95
C LEU A 149 -20.17 2.13 4.34
N CYS A 150 -20.02 1.19 3.42
CA CYS A 150 -19.14 0.06 3.60
C CYS A 150 -17.65 0.38 3.43
N GLY A 151 -17.32 1.56 2.93
CA GLY A 151 -15.91 1.96 2.81
C GLY A 151 -15.12 1.32 1.67
N ARG A 152 -15.77 0.49 0.85
CA ARG A 152 -15.04 -0.24 -0.21
C ARG A 152 -14.49 0.68 -1.30
N CYS A 153 -15.25 1.71 -1.69
CA CYS A 153 -14.75 2.73 -2.63
C CYS A 153 -13.53 3.48 -2.09
N VAL A 154 -13.63 3.90 -0.83
CA VAL A 154 -12.55 4.62 -0.16
C VAL A 154 -11.27 3.72 -0.07
N ASN A 155 -11.40 2.48 0.41
CA ASN A 155 -10.21 1.61 0.42
C ASN A 155 -9.67 1.33 -0.98
N ALA A 156 -10.55 1.14 -1.96
CA ALA A 156 -10.09 0.85 -3.33
C ALA A 156 -9.39 2.09 -3.95
N CYS A 157 -9.90 3.28 -3.65
CA CYS A 157 -9.24 4.48 -4.15
C CYS A 157 -7.79 4.54 -3.60
N GLY A 158 -7.68 4.46 -2.29
CA GLY A 158 -6.40 4.42 -1.60
C GLY A 158 -5.44 3.38 -2.15
N LYS A 159 -5.91 2.14 -2.32
CA LYS A 159 -5.05 1.08 -2.79
C LYS A 159 -4.65 1.23 -4.25
N ASN A 160 -5.61 1.54 -5.11
CA ASN A 160 -5.38 1.60 -6.55
C ASN A 160 -4.65 2.84 -7.07
N THR A 161 -4.88 3.97 -6.42
CA THR A 161 -4.41 5.26 -6.91
C THR A 161 -3.52 5.97 -5.88
N GLU A 162 -3.69 5.66 -4.60
CA GLU A 162 -3.07 6.39 -3.49
C GLU A 162 -3.42 7.88 -3.44
N THR A 163 -4.44 8.30 -4.18
CA THR A 163 -4.86 9.70 -4.06
C THR A 163 -5.77 9.98 -2.86
N TYR A 164 -6.47 8.96 -2.40
CA TYR A 164 -7.56 9.14 -1.44
C TYR A 164 -8.52 10.26 -1.87
N ALA A 165 -8.81 10.35 -3.17
CA ALA A 165 -9.78 11.30 -3.67
C ALA A 165 -11.20 10.95 -3.19
N MET A 166 -11.46 9.66 -2.95
CA MET A 166 -12.72 9.24 -2.33
C MET A 166 -12.55 9.20 -0.82
N LYS A 167 -13.38 9.95 -0.10
CA LYS A 167 -13.23 10.10 1.35
C LYS A 167 -14.54 9.92 2.10
N PHE A 168 -14.47 9.52 3.38
CA PHE A 168 -15.56 9.76 4.29
C PHE A 168 -15.61 11.26 4.61
N LEU A 169 -16.81 11.79 4.72
CA LEU A 169 -17.09 13.21 4.97
C LEU A 169 -18.20 13.32 6.01
N ASN A 170 -18.11 14.31 6.87
CA ASN A 170 -19.17 14.64 7.78
C ASN A 170 -19.96 15.78 7.12
N LYS A 171 -21.16 15.46 6.64
CA LYS A 171 -22.01 16.43 5.94
C LYS A 171 -23.18 16.78 6.85
N ASN A 172 -23.14 17.98 7.44
CA ASN A 172 -24.18 18.43 8.36
C ASN A 172 -24.47 17.37 9.43
N GLY A 173 -23.42 16.84 10.07
CA GLY A 173 -23.56 15.84 11.11
C GLY A 173 -23.76 14.38 10.70
N LYS A 174 -23.99 14.12 9.42
CA LYS A 174 -24.16 12.75 8.91
C LYS A 174 -22.97 12.30 8.06
N THR A 175 -22.63 11.01 8.13
CA THR A 175 -21.49 10.49 7.37
C THR A 175 -21.90 10.15 5.93
N ILE A 176 -21.11 10.63 4.97
CA ILE A 176 -21.28 10.28 3.55
C ILE A 176 -19.91 9.89 2.98
N ILE A 177 -19.88 9.35 1.77
CA ILE A 177 -18.64 9.40 0.99
C ILE A 177 -18.81 10.43 -0.13
N GLY A 178 -17.67 10.96 -0.55
CA GLY A 178 -17.63 12.00 -1.54
C GLY A 178 -16.19 12.46 -1.75
N ALA A 179 -16.06 13.49 -2.55
CA ALA A 179 -14.75 14.05 -2.86
C ALA A 179 -14.44 15.09 -1.81
N GLU A 180 -13.18 15.51 -1.79
CA GLU A 180 -12.70 16.47 -0.85
C GLU A 180 -13.62 17.69 -0.83
N ASP A 181 -14.07 18.05 0.38
CA ASP A 181 -14.89 19.25 0.60
C ASP A 181 -16.22 19.14 -0.09
N GLU A 182 -16.61 17.91 -0.40
CA GLU A 182 -17.84 17.63 -1.14
C GLU A 182 -17.90 18.39 -2.49
N LYS A 183 -16.73 18.68 -3.04
CA LYS A 183 -16.64 19.23 -4.40
C LYS A 183 -16.99 18.21 -5.50
N CYS A 184 -17.23 18.70 -6.72
CA CYS A 184 -17.35 17.80 -7.85
C CYS A 184 -16.01 17.05 -7.99
N PHE A 185 -16.03 15.73 -8.17
CA PHE A 185 -14.77 14.95 -8.30
C PHE A 185 -13.80 15.56 -9.32
N ASP A 186 -14.34 16.03 -10.44
CA ASP A 186 -13.50 16.60 -11.50
C ASP A 186 -12.65 17.78 -11.03
N ASP A 187 -13.13 18.48 -10.00
CA ASP A 187 -12.44 19.66 -9.51
C ASP A 187 -11.49 19.33 -8.37
N THR A 188 -11.19 18.05 -8.18
CA THR A 188 -10.28 17.62 -7.16
C THR A 188 -9.14 16.83 -7.83
N ASN A 189 -8.32 16.15 -7.04
CA ASN A 189 -7.19 15.41 -7.60
C ASN A 189 -7.56 14.03 -8.11
N CYS A 190 -8.82 13.67 -7.93
CA CYS A 190 -9.42 12.50 -8.58
C CYS A 190 -8.98 12.30 -10.05
N LEU A 191 -8.66 11.03 -10.39
CA LEU A 191 -8.22 10.66 -11.72
C LEU A 191 -9.39 10.27 -12.64
N LEU A 192 -10.56 10.16 -12.02
CA LEU A 192 -11.82 9.81 -12.70
C LEU A 192 -11.74 8.40 -13.30
N CYS A 193 -10.86 7.60 -12.72
CA CYS A 193 -10.59 6.23 -13.15
C CYS A 193 -11.69 5.20 -12.84
N GLY A 194 -12.59 5.50 -11.91
CA GLY A 194 -13.74 4.63 -11.69
C GLY A 194 -13.43 3.35 -10.90
N GLN A 195 -12.25 3.26 -10.28
CA GLN A 195 -11.97 2.07 -9.46
C GLN A 195 -12.88 2.01 -8.23
N CYS A 196 -13.29 3.16 -7.73
CA CYS A 196 -14.31 3.19 -6.69
C CYS A 196 -15.64 2.52 -7.11
N ILE A 197 -16.07 2.77 -8.34
CA ILE A 197 -17.28 2.14 -8.86
C ILE A 197 -17.14 0.63 -8.89
N ILE A 198 -16.02 0.15 -9.42
CA ILE A 198 -15.74 -1.26 -9.53
C ILE A 198 -15.78 -1.95 -8.16
N ALA A 199 -15.38 -1.23 -7.10
CA ALA A 199 -15.40 -1.76 -5.76
C ALA A 199 -16.81 -1.73 -5.09
N CYS A 200 -17.72 -0.95 -5.66
CA CYS A 200 -19.00 -0.71 -5.03
C CYS A 200 -19.93 -1.92 -5.10
N PRO A 201 -20.47 -2.38 -3.97
CA PRO A 201 -21.32 -3.59 -4.00
C PRO A 201 -22.75 -3.32 -4.48
N VAL A 202 -23.11 -2.05 -4.58
CA VAL A 202 -24.48 -1.60 -4.86
C VAL A 202 -24.44 -0.50 -5.93
N ALA A 203 -25.58 0.12 -6.19
CA ALA A 203 -25.69 1.07 -7.29
C ALA A 203 -25.44 2.49 -6.79
N ALA A 204 -24.62 2.61 -5.75
CA ALA A 204 -24.32 3.91 -5.13
C ALA A 204 -23.39 4.73 -6.03
N LEU A 205 -22.37 4.08 -6.58
CA LEU A 205 -21.50 4.73 -7.53
C LEU A 205 -21.74 4.16 -8.93
N SER A 206 -21.82 5.04 -9.91
CA SER A 206 -22.07 4.68 -11.28
C SER A 206 -21.24 5.59 -12.16
N GLU A 207 -21.18 5.23 -13.43
CA GLU A 207 -20.65 6.13 -14.45
C GLU A 207 -21.67 7.22 -14.80
N LYS A 208 -21.19 8.39 -15.21
CA LYS A 208 -22.01 9.44 -15.76
C LYS A 208 -22.56 8.99 -17.10
N SER A 209 -23.87 8.89 -17.19
CA SER A 209 -24.52 8.27 -18.36
C SER A 209 -24.38 9.10 -19.61
N HIS A 210 -24.04 8.45 -20.72
CA HIS A 210 -24.12 9.10 -22.05
C HIS A 210 -25.19 8.45 -22.94
N MET A 211 -26.05 7.64 -22.35
CA MET A 211 -26.94 6.80 -23.12
C MET A 211 -28.02 7.61 -23.82
N ASP A 212 -28.42 8.72 -23.23
CA ASP A 212 -29.34 9.61 -23.89
C ASP A 212 -28.72 10.42 -25.02
N ARG A 213 -27.46 10.85 -24.90
CA ARG A 213 -26.74 11.43 -26.05
C ARG A 213 -26.81 10.49 -27.25
N VAL A 214 -26.61 9.20 -26.99
CA VAL A 214 -26.47 8.21 -28.02
C VAL A 214 -27.83 7.97 -28.68
N LYS A 215 -28.84 7.66 -27.85
CA LYS A 215 -30.21 7.44 -28.32
C LYS A 215 -30.77 8.62 -29.11
N ASN A 216 -30.55 9.83 -28.61
CA ASN A 216 -30.96 11.02 -29.33
C ASN A 216 -30.32 11.10 -30.72
N ALA A 217 -29.02 10.87 -30.80
CA ALA A 217 -28.31 10.91 -32.07
C ALA A 217 -28.82 9.82 -33.00
N LEU A 218 -29.03 8.63 -32.43
CA LEU A 218 -29.52 7.48 -33.22
C LEU A 218 -30.89 7.78 -33.84
N ASN A 219 -31.73 8.44 -33.07
CA ASN A 219 -33.07 8.79 -33.48
C ASN A 219 -33.14 10.09 -34.29
N ALA A 220 -32.10 10.92 -34.27
CA ALA A 220 -32.09 12.12 -35.12
C ALA A 220 -31.94 11.71 -36.60
N PRO A 221 -32.89 12.10 -37.46
CA PRO A 221 -32.89 11.68 -38.88
C PRO A 221 -31.60 12.00 -39.65
N GLU A 222 -31.06 13.18 -39.42
CA GLU A 222 -29.92 13.65 -40.18
C GLU A 222 -28.59 13.19 -39.60
N LYS A 223 -28.57 12.61 -38.39
CA LYS A 223 -27.26 12.23 -37.80
C LYS A 223 -26.83 10.89 -38.36
N HIS A 224 -25.55 10.83 -38.73
CA HIS A 224 -24.85 9.62 -39.11
C HIS A 224 -23.98 9.17 -37.95
N VAL A 225 -24.40 8.13 -37.23
CA VAL A 225 -23.77 7.74 -35.96
C VAL A 225 -22.77 6.61 -36.16
N ILE A 226 -21.48 6.93 -36.04
CA ILE A 226 -20.41 5.95 -35.98
C ILE A 226 -20.30 5.39 -34.58
N VAL A 227 -20.00 4.11 -34.47
CA VAL A 227 -19.61 3.54 -33.19
C VAL A 227 -18.31 2.74 -33.33
N ALA A 228 -17.53 2.75 -32.26
CA ALA A 228 -16.21 2.15 -32.28
C ALA A 228 -15.88 1.77 -30.87
N MET A 229 -15.53 0.52 -30.68
CA MET A 229 -15.30 0.01 -29.32
C MET A 229 -13.82 -0.11 -29.04
N ALA A 230 -13.53 0.01 -27.76
CA ALA A 230 -12.18 -0.16 -27.21
C ALA A 230 -11.64 -1.59 -27.37
N PRO A 231 -10.31 -1.75 -27.32
CA PRO A 231 -9.74 -3.11 -27.27
C PRO A 231 -10.44 -4.06 -26.27
N SER A 232 -10.65 -3.57 -25.05
CA SER A 232 -11.06 -4.39 -23.93
C SER A 232 -12.51 -4.85 -23.97
N VAL A 233 -13.34 -4.13 -24.69
CA VAL A 233 -14.77 -4.40 -24.66
C VAL A 233 -15.01 -5.85 -25.20
N ARG A 234 -14.33 -6.24 -26.28
CA ARG A 234 -14.56 -7.55 -26.92
C ARG A 234 -14.10 -8.73 -26.09
N ALA A 235 -13.32 -8.45 -25.04
CA ALA A 235 -12.84 -9.48 -24.14
C ALA A 235 -13.61 -9.55 -22.83
N SER A 236 -14.60 -8.69 -22.68
CA SER A 236 -15.24 -8.46 -21.40
C SER A 236 -16.77 -8.53 -21.38
N ILE A 237 -17.41 -8.04 -22.44
CA ILE A 237 -18.83 -7.70 -22.34
C ILE A 237 -19.69 -8.96 -22.21
N GLY A 238 -19.19 -10.08 -22.73
CA GLY A 238 -19.86 -11.38 -22.62
C GLY A 238 -20.18 -11.78 -21.19
N GLU A 239 -19.39 -11.26 -20.24
CA GLU A 239 -19.57 -11.55 -18.83
C GLU A 239 -20.97 -11.20 -18.37
N LEU A 240 -21.53 -10.14 -18.96
CA LEU A 240 -22.81 -9.61 -18.53
C LEU A 240 -23.97 -10.34 -19.22
N PHE A 241 -23.62 -11.25 -20.11
CA PHE A 241 -24.61 -12.08 -20.78
C PHE A 241 -24.40 -13.55 -20.40
N ASN A 242 -23.83 -13.76 -19.22
CA ASN A 242 -23.69 -15.09 -18.65
C ASN A 242 -22.92 -16.04 -19.57
N MET A 243 -22.04 -15.50 -20.40
CA MET A 243 -21.17 -16.29 -21.26
C MET A 243 -19.85 -16.71 -20.60
N GLY A 244 -19.66 -16.31 -19.35
CA GLY A 244 -18.42 -16.60 -18.65
C GLY A 244 -17.28 -15.65 -18.99
N PHE A 245 -16.08 -16.01 -18.51
CA PHE A 245 -14.91 -15.13 -18.58
C PHE A 245 -13.95 -15.49 -19.69
N GLY A 246 -13.32 -14.47 -20.25
CA GLY A 246 -12.31 -14.72 -21.24
C GLY A 246 -12.83 -15.13 -22.60
N VAL A 247 -14.09 -14.82 -22.88
CA VAL A 247 -14.70 -15.13 -24.16
C VAL A 247 -14.56 -13.96 -25.17
N ASP A 248 -13.93 -14.24 -26.29
CA ASP A 248 -13.85 -13.29 -27.38
C ASP A 248 -15.21 -13.19 -28.10
N VAL A 249 -15.87 -12.03 -27.97
CA VAL A 249 -17.20 -11.84 -28.56
C VAL A 249 -17.19 -10.69 -29.59
N THR A 250 -16.02 -10.45 -30.20
CA THR A 250 -15.88 -9.34 -31.16
C THR A 250 -16.98 -9.33 -32.24
N GLY A 251 -17.13 -10.45 -32.91
CA GLY A 251 -18.09 -10.59 -34.00
C GLY A 251 -19.51 -10.33 -33.53
N LYS A 252 -19.88 -10.83 -32.35
CA LYS A 252 -21.21 -10.61 -31.79
C LYS A 252 -21.49 -9.15 -31.49
N ILE A 253 -20.50 -8.43 -30.98
CA ILE A 253 -20.63 -6.98 -30.77
C ILE A 253 -20.94 -6.18 -32.05
N TYR A 254 -20.20 -6.42 -33.12
CA TYR A 254 -20.47 -5.75 -34.40
C TYR A 254 -21.91 -5.99 -34.84
N THR A 255 -22.40 -7.24 -34.71
CA THR A 255 -23.77 -7.58 -35.06
C THR A 255 -24.76 -6.84 -34.16
N ALA A 256 -24.50 -6.87 -32.85
CA ALA A 256 -25.35 -6.14 -31.89
C ALA A 256 -25.43 -4.64 -32.18
N LEU A 257 -24.28 -4.04 -32.47
CA LEU A 257 -24.25 -2.63 -32.74
C LEU A 257 -25.11 -2.29 -33.97
N ARG A 258 -25.03 -3.13 -34.98
CA ARG A 258 -25.87 -2.89 -36.17
C ARG A 258 -27.33 -3.04 -35.77
N GLN A 259 -27.66 -4.06 -35.00
CA GLN A 259 -29.04 -4.18 -34.54
C GLN A 259 -29.51 -2.99 -33.69
N LEU A 260 -28.60 -2.29 -33.02
CA LEU A 260 -29.01 -1.12 -32.24
C LEU A 260 -29.21 0.09 -33.13
N GLY A 261 -28.92 -0.03 -34.44
CA GLY A 261 -29.16 1.07 -35.37
C GLY A 261 -28.03 2.04 -35.66
N PHE A 262 -26.81 1.73 -35.20
CA PHE A 262 -25.66 2.53 -35.58
C PHE A 262 -25.43 2.50 -37.10
N ASP A 263 -24.99 3.63 -37.63
CA ASP A 263 -24.89 3.77 -39.06
C ASP A 263 -23.57 3.33 -39.62
N LYS A 264 -22.52 3.35 -38.81
CA LYS A 264 -21.22 2.82 -39.22
C LYS A 264 -20.50 2.16 -38.04
N ILE A 265 -19.98 0.96 -38.28
CA ILE A 265 -19.32 0.13 -37.30
C ILE A 265 -17.80 0.10 -37.53
N PHE A 266 -17.07 0.91 -36.77
CA PHE A 266 -15.64 0.98 -36.87
C PHE A 266 -15.09 0.42 -35.56
N ASP A 267 -13.83 0.73 -35.23
CA ASP A 267 -13.20 0.07 -34.10
C ASP A 267 -12.06 0.96 -33.58
N ILE A 268 -11.97 1.10 -32.27
CA ILE A 268 -10.94 1.97 -31.67
C ILE A 268 -9.56 1.35 -31.87
N ASN A 269 -9.46 0.04 -32.11
CA ASN A 269 -8.13 -0.55 -32.38
C ASN A 269 -7.49 0.08 -33.64
N PHE A 270 -8.31 0.49 -34.59
CA PHE A 270 -7.86 1.27 -35.73
C PHE A 270 -7.21 2.57 -35.23
N GLY A 271 -7.89 3.24 -34.30
CA GLY A 271 -7.33 4.42 -33.68
C GLY A 271 -6.03 4.11 -32.89
N ALA A 272 -5.94 2.92 -32.30
CA ALA A 272 -4.72 2.54 -31.58
C ALA A 272 -3.57 2.42 -32.59
N ASP A 273 -3.84 1.86 -33.77
CA ASP A 273 -2.80 1.85 -34.80
C ASP A 273 -2.41 3.27 -35.20
N MET A 274 -3.37 4.19 -35.27
CA MET A 274 -3.04 5.58 -35.57
C MET A 274 -2.12 6.17 -34.50
N THR A 275 -2.45 5.91 -33.23
CA THR A 275 -1.65 6.46 -32.12
C THR A 275 -0.20 5.98 -32.21
N ILE A 276 -0.02 4.71 -32.51
CA ILE A 276 1.31 4.16 -32.69
C ILE A 276 2.05 4.83 -33.86
N MET A 277 1.39 4.92 -35.02
CA MET A 277 1.96 5.62 -36.16
C MET A 277 2.56 6.95 -35.72
N GLU A 278 1.79 7.72 -34.95
CA GLU A 278 2.25 9.02 -34.50
C GLU A 278 3.28 8.88 -33.33
N GLU A 279 2.99 8.01 -32.38
CA GLU A 279 3.82 7.96 -31.19
C GLU A 279 5.19 7.36 -31.49
N ALA A 280 5.21 6.28 -32.24
CA ALA A 280 6.45 5.66 -32.65
C ALA A 280 7.30 6.63 -33.49
N THR A 281 6.66 7.39 -34.36
CA THR A 281 7.37 8.36 -35.18
C THR A 281 8.00 9.41 -34.24
N GLU A 282 7.22 9.89 -33.26
CA GLU A 282 7.70 10.84 -32.25
C GLU A 282 8.87 10.26 -31.45
N LEU A 283 8.75 9.00 -31.06
CA LEU A 283 9.85 8.36 -30.33
C LEU A 283 11.17 8.35 -31.15
N VAL A 284 11.11 7.96 -32.41
CA VAL A 284 12.30 8.04 -33.27
C VAL A 284 12.81 9.50 -33.40
N GLN A 285 11.92 10.46 -33.55
CA GLN A 285 12.30 11.88 -33.55
C GLN A 285 13.06 12.30 -32.29
N ARG A 286 12.55 11.94 -31.11
CA ARG A 286 13.19 12.37 -29.86
C ARG A 286 14.57 11.76 -29.76
N ILE A 287 14.69 10.50 -30.16
CA ILE A 287 15.97 9.81 -30.21
C ILE A 287 16.98 10.55 -31.09
N GLU A 288 16.50 11.14 -32.19
CA GLU A 288 17.36 11.86 -33.10
C GLU A 288 17.68 13.27 -32.59
N ASN A 289 16.81 13.86 -31.77
CA ASN A 289 17.10 15.15 -31.14
C ASN A 289 17.65 14.98 -29.72
N ASN A 290 17.88 13.73 -29.33
CA ASN A 290 18.19 13.36 -27.94
C ASN A 290 17.30 14.06 -26.90
N GLY A 291 15.99 13.96 -27.07
CA GLY A 291 15.09 14.44 -26.04
C GLY A 291 13.86 15.14 -26.57
N PRO A 292 12.99 15.60 -25.66
CA PRO A 292 13.13 15.36 -24.22
C PRO A 292 12.90 13.87 -23.83
N PHE A 293 13.69 13.40 -22.86
CA PHE A 293 13.54 12.07 -22.31
C PHE A 293 13.22 12.23 -20.83
N PRO A 294 12.36 11.36 -20.27
CA PRO A 294 11.67 10.27 -20.98
C PRO A 294 10.49 10.77 -21.80
N MET A 295 10.08 10.03 -22.82
CA MET A 295 8.74 10.27 -23.35
C MET A 295 7.74 9.39 -22.59
N PHE A 296 6.66 9.98 -22.13
CA PHE A 296 5.56 9.23 -21.52
C PHE A 296 4.40 9.09 -22.49
N THR A 297 3.73 7.95 -22.48
CA THR A 297 2.44 7.81 -23.18
C THR A 297 1.45 8.82 -22.64
N SER A 298 0.39 9.07 -23.42
CA SER A 298 -0.57 10.12 -23.14
C SER A 298 -1.99 9.62 -23.44
N CYS A 299 -2.13 8.30 -23.61
CA CYS A 299 -3.38 7.68 -24.07
C CYS A 299 -4.36 7.36 -22.94
N CYS A 300 -3.85 7.27 -21.72
CA CYS A 300 -4.68 7.07 -20.50
C CYS A 300 -5.05 8.39 -19.84
N PRO A 301 -6.33 8.78 -19.88
CA PRO A 301 -6.74 10.06 -19.31
C PRO A 301 -6.67 10.10 -17.77
N GLY A 302 -6.66 8.92 -17.13
CA GLY A 302 -6.44 8.83 -15.69
C GLY A 302 -5.04 9.26 -15.34
N TRP A 303 -4.09 8.79 -16.15
CA TRP A 303 -2.69 9.17 -15.98
C TRP A 303 -2.51 10.64 -16.37
N VAL A 304 -3.15 11.09 -17.45
CA VAL A 304 -3.04 12.50 -17.82
C VAL A 304 -3.51 13.35 -16.69
N ARG A 305 -4.61 12.98 -16.05
CA ARG A 305 -5.06 13.76 -14.90
C ARG A 305 -4.10 13.68 -13.72
N GLN A 306 -3.50 12.50 -13.54
CA GLN A 306 -2.50 12.29 -12.47
C GLN A 306 -1.32 13.25 -12.70
N ALA A 307 -0.84 13.30 -13.94
CA ALA A 307 0.26 14.20 -14.30
C ALA A 307 -0.14 15.63 -14.06
N GLU A 308 -1.34 16.00 -14.52
CA GLU A 308 -1.82 17.37 -14.35
C GLU A 308 -1.91 17.80 -12.87
N ASN A 309 -2.35 16.88 -12.04
CA ASN A 309 -2.68 17.17 -10.67
C ASN A 309 -1.46 17.05 -9.74
N TYR A 310 -0.50 16.21 -10.10
CA TYR A 310 0.60 15.88 -9.21
C TYR A 310 2.00 16.09 -9.84
N TYR A 311 2.15 15.96 -11.15
CA TYR A 311 3.46 16.08 -11.79
C TYR A 311 3.37 16.97 -13.00
N PRO A 312 2.96 18.23 -12.81
CA PRO A 312 2.75 19.03 -14.02
C PRO A 312 4.03 19.31 -14.79
N GLU A 313 5.16 19.13 -14.12
CA GLU A 313 6.46 19.26 -14.76
C GLU A 313 6.69 18.19 -15.83
N LEU A 314 5.90 17.12 -15.81
CA LEU A 314 6.04 16.05 -16.82
C LEU A 314 5.15 16.26 -18.06
N LEU A 315 4.28 17.26 -18.00
CA LEU A 315 3.27 17.41 -19.05
C LEU A 315 3.93 17.60 -20.41
N ASN A 316 5.05 18.31 -20.43
CA ASN A 316 5.80 18.55 -21.66
C ASN A 316 6.53 17.31 -22.15
N ASN A 317 6.67 16.30 -21.29
CA ASN A 317 7.31 15.04 -21.69
C ASN A 317 6.32 14.03 -22.29
N LEU A 318 5.03 14.24 -22.11
CA LEU A 318 4.03 13.35 -22.70
C LEU A 318 4.08 13.42 -24.21
N SER A 319 3.89 12.27 -24.85
CA SER A 319 3.68 12.20 -26.28
C SER A 319 2.58 13.15 -26.70
N SER A 320 2.78 13.85 -27.82
CA SER A 320 1.76 14.76 -28.28
C SER A 320 0.71 14.00 -29.11
N ALA A 321 0.93 12.72 -29.38
CA ALA A 321 -0.07 11.95 -30.10
C ALA A 321 -1.36 11.94 -29.28
N LYS A 322 -2.49 12.15 -29.94
CA LYS A 322 -3.79 11.95 -29.28
C LYS A 322 -3.96 10.46 -28.93
N SER A 323 -4.84 10.20 -27.98
CA SER A 323 -5.18 8.85 -27.61
C SER A 323 -5.99 8.21 -28.75
N PRO A 324 -6.06 6.88 -28.77
CA PRO A 324 -6.78 6.15 -29.81
C PRO A 324 -8.21 6.65 -29.95
N GLN A 325 -8.85 6.95 -28.83
CA GLN A 325 -10.19 7.51 -28.83
C GLN A 325 -10.22 8.85 -29.57
N GLN A 326 -9.36 9.77 -29.18
CA GLN A 326 -9.50 11.10 -29.67
C GLN A 326 -8.94 11.21 -31.07
N ILE A 327 -7.92 10.40 -31.37
CA ILE A 327 -7.26 10.49 -32.66
C ILE A 327 -8.24 9.91 -33.69
N PHE A 328 -8.91 8.83 -33.32
CA PHE A 328 -9.94 8.23 -34.15
C PHE A 328 -11.06 9.24 -34.39
N GLY A 329 -11.49 9.87 -33.31
CA GLY A 329 -12.54 10.83 -33.40
C GLY A 329 -12.15 11.98 -34.32
N THR A 330 -10.90 12.42 -34.24
CA THR A 330 -10.47 13.57 -35.06
C THR A 330 -10.59 13.21 -36.53
N ALA A 331 -10.14 12.00 -36.84
CA ALA A 331 -10.20 11.46 -38.19
C ALA A 331 -11.64 11.24 -38.64
N SER A 332 -12.52 10.94 -37.69
CA SER A 332 -13.90 10.63 -38.00
C SER A 332 -14.64 11.88 -38.51
N LYS A 333 -14.12 13.09 -38.23
CA LYS A 333 -14.77 14.31 -38.70
C LYS A 333 -14.05 14.95 -39.90
N THR A 334 -12.96 14.32 -40.36
CA THR A 334 -12.09 14.92 -41.39
C THR A 334 -11.89 13.90 -42.52
N TYR A 335 -11.16 12.84 -42.21
CA TYR A 335 -10.92 11.77 -43.16
C TYR A 335 -12.21 11.07 -43.59
N TYR A 336 -13.02 10.67 -42.62
CA TYR A 336 -14.22 9.91 -42.94
C TYR A 336 -15.16 10.63 -43.92
N PRO A 337 -15.52 11.90 -43.64
CA PRO A 337 -16.31 12.61 -44.65
C PRO A 337 -15.64 12.62 -46.02
N SER A 338 -14.31 12.75 -46.08
CA SER A 338 -13.59 12.78 -47.35
C SER A 338 -13.76 11.49 -48.15
N ILE A 339 -14.12 10.38 -47.50
CA ILE A 339 -14.32 9.12 -48.22
C ILE A 339 -15.77 8.57 -48.21
N SER A 340 -16.73 9.36 -47.72
CA SER A 340 -18.12 8.93 -47.58
C SER A 340 -19.14 9.91 -48.17
N GLY A 341 -18.74 11.17 -48.26
CA GLY A 341 -19.61 12.27 -48.65
C GLY A 341 -20.46 12.85 -47.56
N LEU A 342 -20.33 12.37 -46.32
CA LEU A 342 -21.14 12.92 -45.23
C LEU A 342 -20.73 14.34 -44.94
N ASP A 343 -21.71 15.16 -44.60
CA ASP A 343 -21.44 16.48 -44.07
C ASP A 343 -20.86 16.25 -42.65
N PRO A 344 -19.61 16.73 -42.38
CA PRO A 344 -18.96 16.53 -41.07
C PRO A 344 -19.84 16.93 -39.89
N LYS A 345 -20.62 18.00 -40.03
CA LYS A 345 -21.54 18.41 -38.95
C LYS A 345 -22.54 17.34 -38.58
N ASN A 346 -22.82 16.43 -39.51
CA ASN A 346 -23.84 15.39 -39.27
C ASN A 346 -23.30 14.04 -38.74
N VAL A 347 -21.98 13.93 -38.67
CA VAL A 347 -21.33 12.76 -38.12
C VAL A 347 -21.34 12.92 -36.59
N PHE A 348 -21.90 11.92 -35.92
CA PHE A 348 -21.92 11.83 -34.46
C PHE A 348 -21.08 10.62 -34.07
N THR A 349 -19.99 10.84 -33.33
CA THR A 349 -19.05 9.75 -33.07
C THR A 349 -19.14 9.27 -31.62
N VAL A 350 -19.47 8.00 -31.51
CA VAL A 350 -19.67 7.31 -30.26
C VAL A 350 -18.60 6.24 -30.05
N THR A 351 -18.01 6.21 -28.86
CA THR A 351 -17.12 5.11 -28.49
C THR A 351 -17.71 4.29 -27.38
N VAL A 352 -17.31 3.02 -27.33
CA VAL A 352 -17.64 2.10 -26.28
C VAL A 352 -16.32 1.81 -25.57
N MET A 353 -16.24 2.11 -24.27
CA MET A 353 -14.97 2.06 -23.49
C MET A 353 -15.11 1.30 -22.17
N PRO A 354 -14.02 0.71 -21.72
CA PRO A 354 -13.96 0.07 -20.39
C PRO A 354 -13.71 1.07 -19.26
N CYS A 355 -13.97 2.34 -19.56
CA CYS A 355 -13.38 3.45 -18.84
C CYS A 355 -14.35 4.58 -18.57
N THR A 356 -14.31 5.13 -17.36
CA THR A 356 -15.09 6.31 -17.06
C THR A 356 -14.36 7.61 -17.36
N SER A 357 -13.04 7.55 -17.27
CA SER A 357 -12.18 8.74 -17.43
C SER A 357 -12.27 9.24 -18.89
N LYS A 358 -12.48 8.30 -19.81
CA LYS A 358 -12.64 8.62 -21.23
C LYS A 358 -13.78 9.60 -21.49
N LYS A 359 -14.76 9.63 -20.61
CA LYS A 359 -15.87 10.54 -20.77
C LYS A 359 -15.35 11.96 -20.59
N PHE A 360 -14.46 12.13 -19.61
CA PHE A 360 -13.89 13.42 -19.30
C PHE A 360 -12.98 13.81 -20.47
N GLU A 361 -12.14 12.91 -20.92
CA GLU A 361 -11.26 13.17 -22.06
C GLU A 361 -12.06 13.69 -23.25
N ALA A 362 -13.15 13.00 -23.54
CA ALA A 362 -13.94 13.33 -24.70
C ALA A 362 -14.58 14.73 -24.60
N ASP A 363 -14.79 15.19 -23.38
CA ASP A 363 -15.48 16.46 -23.17
C ASP A 363 -14.52 17.60 -22.87
N ARG A 364 -13.23 17.38 -23.08
CA ARG A 364 -12.27 18.45 -22.90
C ARG A 364 -12.59 19.52 -23.95
N PRO A 365 -12.65 20.78 -23.52
CA PRO A 365 -13.04 21.87 -24.43
C PRO A 365 -12.31 21.88 -25.74
N GLN A 366 -10.99 21.70 -25.70
CA GLN A 366 -10.23 21.83 -26.90
C GLN A 366 -10.13 20.52 -27.72
N MET A 367 -10.84 19.47 -27.31
CA MET A 367 -10.86 18.23 -28.10
C MET A 367 -11.92 18.31 -29.22
N GLU A 368 -11.71 19.30 -30.09
CA GLU A 368 -12.63 19.62 -31.19
C GLU A 368 -11.88 20.45 -32.24
N LYS A 369 -12.51 20.64 -33.39
CA LYS A 369 -11.91 21.45 -34.45
C LYS A 369 -12.99 21.91 -35.40
N ASP A 370 -12.98 23.19 -35.74
CA ASP A 370 -14.00 23.77 -36.62
C ASP A 370 -15.37 23.52 -36.05
N GLY A 371 -15.48 23.58 -34.73
CA GLY A 371 -16.76 23.42 -34.05
C GLY A 371 -17.22 21.98 -33.89
N LEU A 372 -16.45 21.02 -34.38
CA LEU A 372 -16.87 19.63 -34.33
C LEU A 372 -16.08 18.84 -33.27
N ARG A 373 -16.80 18.22 -32.34
CA ARG A 373 -16.15 17.43 -31.28
C ARG A 373 -15.43 16.26 -31.92
N ASP A 374 -14.22 15.90 -31.47
CA ASP A 374 -13.61 14.65 -31.95
C ASP A 374 -14.53 13.51 -31.62
N ILE A 375 -15.01 13.52 -30.38
CA ILE A 375 -15.88 12.46 -29.87
C ILE A 375 -17.11 13.09 -29.20
N ASP A 376 -18.29 12.64 -29.62
CA ASP A 376 -19.55 13.20 -29.16
C ASP A 376 -20.15 12.47 -27.95
N ALA A 377 -19.84 11.18 -27.80
CA ALA A 377 -20.35 10.40 -26.68
C ALA A 377 -19.44 9.21 -26.40
N VAL A 378 -19.45 8.77 -25.16
CA VAL A 378 -18.66 7.64 -24.72
C VAL A 378 -19.54 6.84 -23.82
N ILE A 379 -19.76 5.58 -24.16
CA ILE A 379 -20.49 4.71 -23.26
C ILE A 379 -19.56 3.60 -22.77
N THR A 380 -19.76 3.25 -21.50
CA THR A 380 -18.97 2.21 -20.90
C THR A 380 -19.44 0.83 -21.38
N THR A 381 -18.62 -0.17 -21.13
CA THR A 381 -18.99 -1.55 -21.43
C THR A 381 -20.34 -1.90 -20.83
N ARG A 382 -20.54 -1.50 -19.57
CA ARG A 382 -21.79 -1.72 -18.87
C ARG A 382 -22.98 -0.99 -19.54
N GLU A 383 -22.78 0.25 -20.00
CA GLU A 383 -23.85 0.98 -20.66
C GLU A 383 -24.24 0.28 -21.97
N LEU A 384 -23.28 -0.23 -22.72
CA LEU A 384 -23.59 -0.93 -23.96
C LEU A 384 -24.35 -2.21 -23.66
N ALA A 385 -23.94 -2.91 -22.60
CA ALA A 385 -24.64 -4.14 -22.22
C ALA A 385 -26.10 -3.82 -21.88
N LYS A 386 -26.36 -2.70 -21.18
CA LYS A 386 -27.72 -2.27 -20.85
C LYS A 386 -28.54 -1.89 -22.09
N MET A 387 -27.95 -1.17 -23.05
CA MET A 387 -28.61 -0.84 -24.28
C MET A 387 -29.03 -2.11 -25.04
N ILE A 388 -28.13 -3.09 -25.11
CA ILE A 388 -28.40 -4.33 -25.78
C ILE A 388 -29.57 -5.06 -25.08
N LYS A 389 -29.53 -5.15 -23.76
CA LYS A 389 -30.57 -5.84 -23.00
C LYS A 389 -31.93 -5.10 -23.08
N ASP A 390 -31.91 -3.76 -23.04
CA ASP A 390 -33.13 -2.99 -23.22
C ASP A 390 -33.76 -3.23 -24.61
N ALA A 391 -32.92 -3.51 -25.60
CA ALA A 391 -33.38 -3.73 -26.97
C ALA A 391 -33.76 -5.17 -27.24
N LYS A 392 -33.59 -6.03 -26.23
CA LYS A 392 -33.98 -7.45 -26.31
C LYS A 392 -33.24 -8.13 -27.40
N ILE A 393 -31.99 -7.73 -27.56
CA ILE A 393 -31.09 -8.33 -28.53
C ILE A 393 -30.44 -9.59 -27.92
N PRO A 394 -30.66 -10.76 -28.54
CA PRO A 394 -30.22 -12.00 -27.90
C PRO A 394 -28.72 -12.23 -28.10
N PHE A 395 -27.93 -11.43 -27.39
CA PHE A 395 -26.49 -11.29 -27.63
C PHE A 395 -25.78 -12.63 -27.76
N ALA A 396 -25.89 -13.47 -26.75
CA ALA A 396 -25.15 -14.73 -26.74
C ALA A 396 -25.48 -15.60 -27.96
N LYS A 397 -26.64 -15.38 -28.58
CA LYS A 397 -27.06 -16.12 -29.78
C LYS A 397 -26.73 -15.49 -31.16
N LEU A 398 -26.16 -14.29 -31.20
CA LEU A 398 -25.94 -13.58 -32.46
C LEU A 398 -24.87 -14.24 -33.33
N GLU A 399 -25.03 -14.13 -34.65
CA GLU A 399 -23.97 -14.52 -35.58
C GLU A 399 -22.87 -13.45 -35.59
N ASP A 400 -21.67 -13.87 -35.93
CA ASP A 400 -20.57 -12.95 -36.11
C ASP A 400 -20.77 -12.08 -37.35
N SER A 401 -20.40 -10.81 -37.25
CA SER A 401 -20.26 -10.01 -38.43
C SER A 401 -18.91 -9.27 -38.39
N GLU A 402 -18.58 -8.52 -39.44
CA GLU A 402 -17.33 -7.79 -39.51
C GLU A 402 -17.54 -6.28 -39.37
N ALA A 403 -16.48 -5.57 -38.99
CA ALA A 403 -16.51 -4.12 -38.94
C ALA A 403 -16.47 -3.60 -40.34
N ASP A 404 -16.95 -2.38 -40.53
CA ASP A 404 -16.71 -1.64 -41.76
C ASP A 404 -15.20 -1.28 -41.82
N PRO A 405 -14.53 -1.70 -42.89
CA PRO A 405 -13.06 -1.72 -42.83
C PRO A 405 -12.34 -0.35 -42.89
N ALA A 406 -12.93 0.70 -43.44
CA ALA A 406 -12.17 1.93 -43.70
C ALA A 406 -11.54 2.53 -42.44
N MET A 407 -12.25 2.48 -41.31
CA MET A 407 -11.66 2.82 -39.99
C MET A 407 -11.96 1.70 -38.97
N GLY A 408 -11.95 0.47 -39.48
CA GLY A 408 -12.30 -0.69 -38.68
C GLY A 408 -11.28 -1.81 -38.67
N GLU A 409 -10.35 -1.81 -39.63
CA GLU A 409 -9.28 -2.81 -39.65
C GLU A 409 -8.38 -2.53 -38.46
N TYR A 410 -7.80 -3.57 -37.87
CA TYR A 410 -6.66 -3.34 -36.94
C TYR A 410 -5.62 -4.43 -36.98
N SER A 411 -4.38 -4.06 -36.64
CA SER A 411 -3.29 -4.99 -36.43
C SER A 411 -3.29 -5.56 -35.02
N GLY A 412 -2.52 -6.64 -34.83
CA GLY A 412 -2.38 -7.24 -33.51
C GLY A 412 -1.69 -6.30 -32.54
N ALA A 413 -0.91 -5.35 -33.06
CA ALA A 413 -0.26 -4.37 -32.22
C ALA A 413 -1.37 -3.56 -31.54
N GLY A 414 -2.29 -3.05 -32.34
CA GLY A 414 -3.48 -2.39 -31.85
C GLY A 414 -4.34 -3.21 -30.91
N ALA A 415 -4.47 -4.50 -31.21
CA ALA A 415 -5.34 -5.36 -30.44
C ALA A 415 -4.91 -5.50 -28.97
N ILE A 416 -3.60 -5.42 -28.66
CA ILE A 416 -3.13 -5.67 -27.30
C ILE A 416 -3.11 -4.39 -26.40
N PHE A 417 -3.56 -3.27 -26.95
CA PHE A 417 -3.57 -2.00 -26.21
C PHE A 417 -4.20 -2.10 -24.84
N GLY A 418 -5.26 -2.89 -24.71
CA GLY A 418 -6.03 -2.96 -23.47
C GLY A 418 -5.37 -3.62 -22.27
N ALA A 419 -4.25 -4.31 -22.47
CA ALA A 419 -3.46 -4.88 -21.38
C ALA A 419 -2.26 -4.00 -21.05
N THR A 420 -1.90 -4.04 -19.78
CA THR A 420 -0.74 -3.31 -19.30
C THR A 420 0.49 -3.79 -20.08
N GLY A 421 1.24 -2.86 -20.66
CA GLY A 421 2.40 -3.19 -21.47
C GLY A 421 2.08 -3.31 -22.95
N GLY A 422 0.80 -3.31 -23.28
CA GLY A 422 0.38 -3.44 -24.67
C GLY A 422 0.77 -2.27 -25.56
N VAL A 423 0.53 -1.03 -25.08
CA VAL A 423 0.97 0.15 -25.79
C VAL A 423 2.51 0.13 -26.01
N MET A 424 3.23 -0.24 -24.95
CA MET A 424 4.69 -0.26 -25.00
C MET A 424 5.15 -1.22 -26.08
N GLU A 425 4.60 -2.43 -26.04
CA GLU A 425 4.92 -3.47 -27.02
C GLU A 425 4.61 -3.08 -28.46
N ALA A 426 3.38 -2.63 -28.67
CA ALA A 426 2.93 -2.14 -29.98
C ALA A 426 3.80 -0.99 -30.49
N ALA A 427 4.18 -0.08 -29.59
CA ALA A 427 4.95 1.10 -29.96
C ALA A 427 6.37 0.68 -30.38
N LEU A 428 6.89 -0.33 -29.72
CA LEU A 428 8.22 -0.78 -30.03
C LEU A 428 8.28 -1.56 -31.32
N ARG A 429 7.22 -2.29 -31.65
CA ARG A 429 7.18 -3.01 -32.93
C ARG A 429 7.33 -2.07 -34.09
N SER A 430 6.78 -0.87 -33.97
CA SER A 430 6.86 0.11 -35.03
C SER A 430 8.12 0.97 -34.95
N ALA A 431 8.49 1.45 -33.76
CA ALA A 431 9.64 2.33 -33.62
C ALA A 431 10.91 1.66 -34.12
N LYS A 432 11.04 0.37 -33.86
CA LYS A 432 12.22 -0.38 -34.26
C LYS A 432 12.27 -0.52 -35.76
N ASP A 433 11.12 -0.78 -36.36
CA ASP A 433 11.02 -0.87 -37.82
C ASP A 433 11.35 0.50 -38.44
N PHE A 434 10.76 1.56 -37.91
CA PHE A 434 11.01 2.93 -38.41
C PHE A 434 12.49 3.34 -38.30
N ALA A 435 13.07 3.15 -37.13
CA ALA A 435 14.43 3.60 -36.85
C ALA A 435 15.49 2.86 -37.67
N GLU A 436 15.30 1.57 -37.84
CA GLU A 436 16.27 0.71 -38.52
C GLU A 436 15.91 0.60 -40.01
N ASN A 437 14.90 1.37 -40.41
CA ASN A 437 14.23 1.20 -41.70
C ASN A 437 14.18 -0.27 -42.15
N ALA A 438 13.49 -1.09 -41.37
CA ALA A 438 13.46 -2.53 -41.61
C ALA A 438 12.08 -3.12 -41.28
N GLU A 439 11.89 -4.38 -41.66
CA GLU A 439 10.70 -5.12 -41.25
C GLU A 439 11.17 -6.36 -40.48
N LEU A 440 11.30 -6.17 -39.17
CA LEU A 440 11.82 -7.20 -38.27
C LEU A 440 10.78 -8.30 -38.04
N GLU A 441 11.25 -9.52 -37.77
CA GLU A 441 10.36 -10.64 -37.55
C GLU A 441 10.14 -10.93 -36.04
N ASP A 442 11.11 -10.57 -35.20
CA ASP A 442 10.96 -10.77 -33.75
C ASP A 442 10.28 -9.55 -33.15
N ILE A 443 9.01 -9.73 -32.80
CA ILE A 443 8.13 -8.62 -32.45
C ILE A 443 7.45 -8.77 -31.09
N GLU A 444 7.71 -9.87 -30.41
CA GLU A 444 7.11 -10.10 -29.10
C GLU A 444 8.02 -9.61 -27.97
N TYR A 445 7.53 -8.61 -27.24
CA TYR A 445 8.27 -8.06 -26.13
C TYR A 445 7.68 -8.56 -24.82
N LYS A 446 7.96 -9.81 -24.48
CA LYS A 446 7.29 -10.41 -23.34
C LYS A 446 7.68 -9.78 -22.00
N GLN A 447 8.80 -9.08 -21.95
CA GLN A 447 9.32 -8.59 -20.67
C GLN A 447 8.49 -7.42 -20.15
N VAL A 448 7.64 -6.83 -20.99
CA VAL A 448 6.86 -5.66 -20.57
C VAL A 448 5.42 -6.05 -20.25
N ARG A 449 5.12 -7.33 -20.45
CA ARG A 449 3.79 -7.86 -20.19
C ARG A 449 3.58 -8.30 -18.75
N GLY A 450 2.31 -8.48 -18.39
CA GLY A 450 1.96 -9.04 -17.09
C GLY A 450 1.69 -8.05 -15.98
N LEU A 451 1.40 -8.61 -14.80
CA LEU A 451 0.82 -7.83 -13.71
C LEU A 451 1.77 -7.23 -12.67
N ASN A 452 3.09 -7.36 -12.88
CA ASN A 452 4.04 -6.66 -12.01
C ASN A 452 3.73 -5.17 -12.11
N GLY A 453 3.79 -4.52 -10.96
CA GLY A 453 3.42 -3.13 -10.79
C GLY A 453 4.30 -2.17 -11.58
N ILE A 454 5.61 -2.43 -11.57
CA ILE A 454 6.56 -1.66 -12.34
C ILE A 454 7.39 -2.67 -13.13
N LYS A 455 7.46 -2.45 -14.44
CA LYS A 455 8.19 -3.31 -15.38
C LYS A 455 9.09 -2.47 -16.23
N GLU A 456 10.30 -2.96 -16.42
CA GLU A 456 11.26 -2.30 -17.26
C GLU A 456 11.98 -3.29 -18.18
N ALA A 457 12.62 -2.74 -19.21
CA ALA A 457 13.39 -3.52 -20.15
C ALA A 457 14.40 -2.64 -20.85
N GLU A 458 15.47 -3.28 -21.30
CA GLU A 458 16.43 -2.62 -22.14
C GLU A 458 16.17 -3.09 -23.56
N VAL A 459 16.05 -2.14 -24.48
CA VAL A 459 15.80 -2.47 -25.87
C VAL A 459 16.87 -1.84 -26.77
N GLU A 460 17.21 -2.59 -27.82
CA GLU A 460 18.20 -2.14 -28.79
C GLU A 460 17.46 -1.54 -29.97
N ILE A 461 17.68 -0.26 -30.23
CA ILE A 461 17.10 0.40 -31.38
C ILE A 461 18.22 0.99 -32.21
N ASN A 462 18.40 0.45 -33.41
CA ASN A 462 19.41 0.92 -34.35
C ASN A 462 20.79 0.89 -33.71
N ASN A 463 21.09 -0.26 -33.12
CA ASN A 463 22.38 -0.52 -32.48
C ASN A 463 22.77 0.46 -31.35
N ASN A 464 21.78 1.02 -30.68
CA ASN A 464 21.99 1.65 -29.38
C ASN A 464 21.00 1.09 -28.36
N LYS A 465 21.33 1.17 -27.07
CA LYS A 465 20.47 0.69 -26.01
C LYS A 465 19.58 1.80 -25.48
N TYR A 466 18.32 1.44 -25.23
CA TYR A 466 17.39 2.36 -24.61
C TYR A 466 16.65 1.67 -23.48
N ASN A 467 16.21 2.47 -22.52
CA ASN A 467 15.52 1.96 -21.34
C ASN A 467 14.03 2.31 -21.39
N VAL A 468 13.21 1.28 -21.27
CA VAL A 468 11.76 1.45 -21.22
C VAL A 468 11.21 0.99 -19.87
N ALA A 469 10.09 1.60 -19.48
CA ALA A 469 9.37 1.19 -18.29
C ALA A 469 7.88 1.21 -18.57
N VAL A 470 7.19 0.27 -17.94
CA VAL A 470 5.74 0.18 -18.02
C VAL A 470 5.24 0.29 -16.58
N ILE A 471 4.56 1.40 -16.30
CA ILE A 471 3.97 1.64 -15.03
C ILE A 471 2.53 1.14 -15.06
N ASN A 472 2.25 0.16 -14.21
CA ASN A 472 1.01 -0.58 -14.23
C ASN A 472 0.14 -0.25 -13.01
N GLY A 473 -0.66 0.82 -13.13
CA GLY A 473 -1.50 1.33 -12.03
C GLY A 473 -1.06 2.66 -11.47
N ALA A 474 -2.01 3.52 -11.10
CA ALA A 474 -1.70 4.88 -10.65
C ALA A 474 -0.88 4.94 -9.35
N SER A 475 -1.16 4.03 -8.42
CA SER A 475 -0.36 3.89 -7.20
C SER A 475 1.10 3.58 -7.53
N ASN A 476 1.35 2.75 -8.55
CA ASN A 476 2.73 2.47 -8.99
C ASN A 476 3.43 3.62 -9.71
N LEU A 477 2.66 4.53 -10.26
CA LEU A 477 3.26 5.72 -10.81
C LEU A 477 3.79 6.55 -9.63
N PHE A 478 2.97 6.76 -8.59
CA PHE A 478 3.47 7.42 -7.37
C PHE A 478 4.71 6.74 -6.77
N LYS A 479 4.72 5.41 -6.72
CA LYS A 479 5.90 4.68 -6.20
C LYS A 479 7.16 4.94 -7.05
N PHE A 480 7.02 4.76 -8.37
CA PHE A 480 8.09 5.05 -9.31
C PHE A 480 8.73 6.43 -9.12
N MET A 481 7.90 7.45 -9.02
CA MET A 481 8.38 8.81 -8.85
C MET A 481 8.95 9.05 -7.44
N LYS A 482 8.14 8.84 -6.41
CA LYS A 482 8.54 9.22 -5.05
C LYS A 482 9.75 8.45 -4.57
N SER A 483 9.89 7.21 -4.99
CA SER A 483 11.01 6.40 -4.56
C SER A 483 12.33 6.77 -5.24
N GLY A 484 12.25 7.62 -6.26
CA GLY A 484 13.41 7.98 -7.04
C GLY A 484 13.82 6.98 -8.10
N MET A 485 12.99 5.94 -8.31
CA MET A 485 13.27 4.92 -9.31
C MET A 485 13.53 5.53 -10.69
N ILE A 486 12.88 6.63 -10.95
CA ILE A 486 13.00 7.23 -12.26
C ILE A 486 14.42 7.76 -12.46
N ASN A 487 15.16 7.89 -11.37
CA ASN A 487 16.51 8.45 -11.44
C ASN A 487 17.62 7.39 -11.36
N GLU A 488 17.25 6.14 -11.25
CA GLU A 488 18.24 5.05 -11.23
C GLU A 488 18.96 4.89 -12.56
N LYS A 489 18.34 5.38 -13.63
CA LYS A 489 18.89 5.29 -14.98
C LYS A 489 18.13 6.28 -15.86
N GLN A 490 18.60 6.48 -17.09
CA GLN A 490 17.89 7.33 -18.02
C GLN A 490 16.81 6.51 -18.73
N TYR A 491 15.57 6.88 -18.49
CA TYR A 491 14.41 6.29 -19.18
C TYR A 491 14.10 7.07 -20.45
N HIS A 492 13.84 6.32 -21.51
CA HIS A 492 13.56 6.93 -22.82
C HIS A 492 12.08 6.88 -23.17
N PHE A 493 11.38 5.82 -22.78
CA PHE A 493 9.98 5.73 -23.12
C PHE A 493 9.28 5.00 -22.00
N ILE A 494 8.30 5.66 -21.39
CA ILE A 494 7.56 5.13 -20.25
C ILE A 494 6.04 5.08 -20.57
N GLU A 495 5.44 3.90 -20.48
CA GLU A 495 3.99 3.71 -20.48
C GLU A 495 3.38 3.78 -19.08
N VAL A 496 2.27 4.52 -18.95
CA VAL A 496 1.54 4.60 -17.70
C VAL A 496 0.07 4.34 -17.94
N MET A 497 -0.46 3.37 -17.21
CA MET A 497 -1.89 3.11 -17.15
C MET A 497 -2.35 3.37 -15.72
N ALA A 498 -3.47 4.05 -15.55
CA ALA A 498 -3.98 4.32 -14.21
C ALA A 498 -4.57 3.08 -13.51
N CYS A 499 -5.16 2.17 -14.30
CA CYS A 499 -5.79 0.98 -13.79
C CYS A 499 -4.86 -0.21 -13.83
N HIS A 500 -4.71 -0.88 -12.69
CA HIS A 500 -3.83 -2.04 -12.59
C HIS A 500 -4.36 -3.20 -13.44
N GLY A 501 -3.50 -3.72 -14.32
CA GLY A 501 -3.89 -4.66 -15.34
C GLY A 501 -4.05 -3.99 -16.68
N GLY A 502 -4.17 -2.67 -16.68
CA GLY A 502 -4.47 -1.95 -17.92
C GLY A 502 -5.98 -1.76 -18.05
N CYS A 503 -6.40 -1.31 -19.23
CA CYS A 503 -7.82 -1.02 -19.49
C CYS A 503 -8.76 -2.20 -19.33
N VAL A 504 -8.26 -3.42 -19.43
CA VAL A 504 -9.16 -4.58 -19.22
C VAL A 504 -9.70 -4.53 -17.79
N ASN A 505 -8.99 -3.85 -16.90
CA ASN A 505 -9.48 -3.66 -15.53
C ASN A 505 -10.06 -2.26 -15.32
N GLY A 506 -10.48 -1.57 -16.37
CA GLY A 506 -10.97 -0.21 -16.18
C GLY A 506 -12.26 0.01 -15.39
N GLY A 507 -12.48 1.27 -15.05
CA GLY A 507 -13.63 1.69 -14.27
C GLY A 507 -15.01 1.51 -14.87
N GLY A 508 -15.07 1.26 -16.18
CA GLY A 508 -16.33 1.09 -16.88
C GLY A 508 -16.70 -0.36 -17.17
N GLN A 509 -15.89 -1.27 -16.63
CA GLN A 509 -16.03 -2.69 -16.90
C GLN A 509 -17.15 -3.37 -16.09
N PRO A 510 -17.54 -4.59 -16.52
CA PRO A 510 -18.52 -5.36 -15.75
C PRO A 510 -18.06 -5.58 -14.33
N HIS A 511 -18.96 -5.43 -13.36
CA HIS A 511 -18.65 -5.79 -11.99
C HIS A 511 -18.48 -7.30 -11.90
N VAL A 512 -17.57 -7.72 -11.03
CA VAL A 512 -17.32 -9.13 -10.78
C VAL A 512 -17.47 -9.26 -9.28
N ASN A 513 -18.32 -10.15 -8.82
CA ASN A 513 -18.52 -10.22 -7.38
C ASN A 513 -17.30 -10.87 -6.72
N PRO A 514 -17.04 -10.52 -5.45
CA PRO A 514 -15.80 -10.89 -4.76
C PRO A 514 -15.46 -12.39 -4.81
N LYS A 515 -16.46 -13.26 -4.88
CA LYS A 515 -16.19 -14.69 -4.92
C LYS A 515 -15.68 -15.16 -6.28
N ASP A 516 -16.27 -14.65 -7.36
CA ASP A 516 -15.76 -14.97 -8.69
C ASP A 516 -14.33 -14.48 -8.80
N LEU A 517 -14.02 -13.40 -8.10
CA LEU A 517 -12.71 -12.78 -8.16
C LEU A 517 -11.68 -13.66 -7.45
N GLU A 518 -12.13 -14.46 -6.50
CA GLU A 518 -11.24 -15.37 -5.79
C GLU A 518 -10.87 -16.51 -6.70
N LYS A 519 -11.74 -16.76 -7.69
CA LYS A 519 -11.70 -17.93 -8.53
C LYS A 519 -11.05 -17.70 -9.90
N VAL A 520 -11.14 -16.48 -10.41
CA VAL A 520 -10.70 -16.12 -11.76
C VAL A 520 -9.76 -14.93 -11.70
N ASP A 521 -8.63 -14.96 -12.42
CA ASP A 521 -7.73 -13.81 -12.48
C ASP A 521 -8.27 -12.90 -13.56
N ILE A 522 -9.10 -11.94 -13.18
CA ILE A 522 -9.87 -11.18 -14.16
C ILE A 522 -8.95 -10.38 -15.13
N LYS A 523 -7.87 -9.82 -14.59
CA LYS A 523 -6.92 -9.07 -15.40
C LYS A 523 -6.25 -9.95 -16.45
N LYS A 524 -5.80 -11.14 -16.06
CA LYS A 524 -5.12 -12.04 -17.01
C LYS A 524 -6.09 -12.63 -18.03
N VAL A 525 -7.23 -13.06 -17.56
CA VAL A 525 -8.20 -13.70 -18.43
C VAL A 525 -8.77 -12.73 -19.49
N ARG A 526 -9.08 -11.49 -19.12
CA ARG A 526 -9.53 -10.52 -20.13
C ARG A 526 -8.40 -10.19 -21.10
N ALA A 527 -7.21 -10.02 -20.57
CA ALA A 527 -6.01 -9.70 -21.40
C ALA A 527 -5.67 -10.83 -22.38
N SER A 528 -5.93 -12.06 -21.97
CA SER A 528 -5.53 -13.21 -22.78
C SER A 528 -6.30 -13.18 -24.11
N VAL A 529 -7.53 -12.70 -24.07
CA VAL A 529 -8.29 -12.56 -25.31
C VAL A 529 -7.54 -11.66 -26.30
N LEU A 530 -6.95 -10.59 -25.80
CA LEU A 530 -6.29 -9.64 -26.66
C LEU A 530 -5.01 -10.24 -27.26
N TYR A 531 -4.22 -10.92 -26.44
CA TYR A 531 -2.94 -11.44 -26.92
C TYR A 531 -3.22 -12.54 -27.91
N ASN A 532 -4.30 -13.28 -27.67
CA ASN A 532 -4.69 -14.33 -28.61
C ASN A 532 -5.01 -13.73 -30.00
N GLN A 533 -5.75 -12.64 -30.03
CA GLN A 533 -6.04 -11.98 -31.29
C GLN A 533 -4.75 -11.60 -32.01
N ASP A 534 -3.85 -10.98 -31.27
CA ASP A 534 -2.54 -10.57 -31.81
C ASP A 534 -1.85 -11.75 -32.49
N GLU A 535 -1.92 -12.90 -31.82
CA GLU A 535 -1.17 -14.07 -32.26
C GLU A 535 -1.71 -14.61 -33.58
N HIS A 536 -3.02 -14.44 -33.79
CA HIS A 536 -3.70 -14.98 -34.98
C HIS A 536 -3.97 -13.97 -36.11
N LEU A 537 -3.53 -12.72 -35.94
CA LEU A 537 -3.66 -11.71 -36.99
C LEU A 537 -2.46 -11.71 -37.97
N SER A 538 -2.74 -11.62 -39.25
CA SER A 538 -1.67 -11.64 -40.24
C SER A 538 -0.79 -10.40 -40.08
N LYS A 539 -1.42 -9.24 -39.86
CA LYS A 539 -0.69 -8.00 -39.63
C LYS A 539 -0.53 -7.75 -38.12
N ARG A 540 0.71 -7.64 -37.65
CA ARG A 540 0.94 -7.50 -36.21
C ARG A 540 1.74 -6.23 -35.87
N LYS A 541 1.77 -5.31 -36.81
CA LYS A 541 2.38 -4.01 -36.61
C LYS A 541 1.37 -2.98 -37.08
N SER A 542 1.22 -1.93 -36.30
CA SER A 542 0.27 -0.87 -36.65
C SER A 542 0.49 -0.28 -38.04
N HIS A 543 1.75 -0.18 -38.48
CA HIS A 543 2.02 0.47 -39.77
C HIS A 543 1.80 -0.47 -40.96
N GLU A 544 1.42 -1.73 -40.70
CA GLU A 544 1.03 -2.66 -41.75
C GLU A 544 -0.50 -2.77 -41.89
N ASN A 545 -1.22 -1.98 -41.10
CA ASN A 545 -2.67 -1.84 -41.23
C ASN A 545 -3.05 -1.21 -42.60
N THR A 546 -3.63 -2.00 -43.49
CA THR A 546 -3.82 -1.56 -44.89
C THR A 546 -4.78 -0.41 -45.00
N ALA A 547 -5.90 -0.46 -44.28
CA ALA A 547 -6.79 0.69 -44.25
C ALA A 547 -6.11 1.94 -43.67
N LEU A 548 -5.26 1.75 -42.67
CA LEU A 548 -4.60 2.90 -42.07
C LEU A 548 -3.58 3.48 -43.07
N VAL A 549 -2.85 2.60 -43.74
CA VAL A 549 -1.88 3.06 -44.73
C VAL A 549 -2.55 3.88 -45.83
N LYS A 550 -3.69 3.40 -46.33
CA LYS A 550 -4.43 4.14 -47.37
C LYS A 550 -4.85 5.52 -46.87
N MET A 551 -5.31 5.58 -45.61
CA MET A 551 -5.71 6.88 -45.03
C MET A 551 -4.54 7.86 -44.99
N TYR A 552 -3.37 7.41 -44.55
CA TYR A 552 -2.22 8.31 -44.50
C TYR A 552 -1.72 8.69 -45.91
N GLN A 553 -1.60 7.70 -46.80
CA GLN A 553 -1.24 7.97 -48.21
C GLN A 553 -2.17 8.97 -48.86
N ASN A 554 -3.47 8.77 -48.69
CA ASN A 554 -4.45 9.57 -49.41
C ASN A 554 -4.89 10.86 -48.70
N TYR A 555 -4.60 11.02 -47.41
CA TYR A 555 -5.24 12.14 -46.67
C TYR A 555 -4.33 12.89 -45.71
N PHE A 556 -3.70 12.19 -44.76
CA PHE A 556 -2.87 12.84 -43.75
C PHE A 556 -1.42 13.09 -44.17
N GLY A 557 -0.88 12.25 -45.04
CA GLY A 557 0.51 12.34 -45.45
C GLY A 557 1.43 11.62 -44.47
N LYS A 558 2.63 12.14 -44.27
CA LYS A 558 3.57 11.46 -43.38
C LYS A 558 3.22 11.69 -41.91
N PRO A 559 3.27 10.62 -41.11
CA PRO A 559 3.05 10.76 -39.66
C PRO A 559 4.06 11.70 -39.04
N GLY A 560 3.63 12.36 -37.96
CA GLY A 560 4.50 13.15 -37.13
C GLY A 560 4.94 14.49 -37.70
N GLU A 561 4.35 14.88 -38.82
CA GLU A 561 4.63 16.20 -39.38
C GLU A 561 3.44 16.71 -40.18
N GLY A 562 3.51 17.97 -40.59
CA GLY A 562 2.52 18.52 -41.49
C GLY A 562 1.09 18.39 -40.96
N ARG A 563 0.20 17.83 -41.78
CA ARG A 563 -1.21 17.78 -41.45
C ARG A 563 -1.47 16.81 -40.30
N ALA A 564 -0.71 15.74 -40.26
CA ALA A 564 -0.85 14.75 -39.22
C ALA A 564 -0.54 15.42 -37.88
N HIS A 565 0.59 16.12 -37.80
CA HIS A 565 0.97 16.77 -36.54
C HIS A 565 -0.02 17.86 -36.16
N GLU A 566 -0.55 18.57 -37.16
CA GLU A 566 -1.37 19.71 -36.84
C GLU A 566 -2.74 19.28 -36.27
N ILE A 567 -3.36 18.21 -36.77
CA ILE A 567 -4.72 17.90 -36.26
C ILE A 567 -4.81 16.63 -35.42
N LEU A 568 -3.85 15.73 -35.53
CA LEU A 568 -3.90 14.50 -34.75
C LEU A 568 -3.15 14.53 -33.41
N HIS A 569 -2.61 15.69 -33.05
CA HIS A 569 -1.82 15.81 -31.83
C HIS A 569 -2.48 16.77 -30.85
N PHE A 570 -2.17 16.60 -29.57
CA PHE A 570 -2.71 17.46 -28.51
C PHE A 570 -1.65 17.54 -27.42
N LYS A 571 -1.34 18.76 -27.02
CA LYS A 571 -0.30 18.98 -26.01
C LYS A 571 -0.93 19.55 -24.76
N TYR A 572 -0.46 19.10 -23.61
CA TYR A 572 -0.97 19.62 -22.34
C TYR A 572 0.04 20.60 -21.80
N LYS A 573 -0.46 21.70 -21.25
CA LYS A 573 0.40 22.76 -20.72
C LYS A 573 0.23 22.95 -19.22
N LYS A 574 1.35 23.05 -18.50
CA LYS A 574 1.39 23.44 -17.08
C LYS A 574 1.07 24.93 -16.98
N SER A 575 0.40 25.35 -15.92
CA SER A 575 0.13 26.79 -15.77
C SER A 575 1.43 27.51 -15.39
N ALA A 576 1.53 28.78 -15.77
CA ALA A 576 2.76 29.52 -15.53
C ALA A 576 2.91 29.78 -14.04
N TRP A 577 4.13 30.07 -13.61
CA TRP A 577 4.43 30.47 -12.22
C TRP A 577 3.39 31.44 -11.62
N LYS B 2 -3.91 -28.15 -11.78
CA LYS B 2 -2.65 -27.47 -11.45
C LYS B 2 -1.65 -28.42 -10.81
N THR B 3 -0.87 -29.09 -11.65
CA THR B 3 0.26 -29.90 -11.19
C THR B 3 1.49 -29.41 -11.93
N ILE B 4 2.64 -29.44 -11.25
CA ILE B 4 3.91 -28.98 -11.82
C ILE B 4 5.03 -29.83 -11.29
N ILE B 5 6.22 -29.69 -11.88
CA ILE B 5 7.39 -30.41 -11.41
C ILE B 5 8.57 -29.47 -11.23
N ILE B 6 9.15 -29.52 -10.04
CA ILE B 6 10.37 -28.79 -9.79
C ILE B 6 11.40 -29.80 -9.37
N ASN B 7 12.60 -29.66 -9.93
CA ASN B 7 13.68 -30.60 -9.71
C ASN B 7 13.16 -32.05 -9.81
N GLY B 8 13.46 -32.87 -8.81
CA GLY B 8 13.07 -34.26 -8.85
C GLY B 8 11.84 -34.58 -8.02
N VAL B 9 10.77 -33.80 -8.19
CA VAL B 9 9.52 -34.05 -7.49
C VAL B 9 8.34 -33.49 -8.26
N GLN B 10 7.23 -34.22 -8.26
CA GLN B 10 5.97 -33.74 -8.85
C GLN B 10 5.08 -33.18 -7.75
N PHE B 11 4.36 -32.11 -8.08
CA PHE B 11 3.51 -31.42 -7.12
C PHE B 11 2.15 -31.10 -7.70
N ASN B 12 1.17 -31.11 -6.82
CA ASN B 12 -0.23 -30.91 -7.16
C ASN B 12 -0.85 -29.89 -6.21
N THR B 13 -1.26 -28.73 -6.73
CA THR B 13 -1.86 -27.72 -5.85
C THR B 13 -2.92 -26.86 -6.51
N ASP B 14 -3.78 -26.34 -5.64
CA ASP B 14 -4.76 -25.33 -5.99
C ASP B 14 -4.09 -23.95 -6.07
N GLU B 15 -2.93 -23.84 -5.43
CA GLU B 15 -2.24 -22.56 -5.18
C GLU B 15 -2.11 -21.65 -6.40
N ASP B 16 -2.34 -20.37 -6.17
CA ASP B 16 -2.17 -19.34 -7.18
C ASP B 16 -0.98 -18.44 -6.83
N THR B 17 0.14 -19.03 -6.38
CA THR B 17 1.27 -18.26 -5.85
C THR B 17 2.50 -18.16 -6.79
N THR B 18 3.56 -17.48 -6.33
CA THR B 18 4.83 -17.42 -7.08
C THR B 18 5.64 -18.71 -6.89
N ILE B 19 6.57 -18.97 -7.82
CA ILE B 19 7.52 -20.08 -7.68
C ILE B 19 8.25 -20.04 -6.36
N LEU B 20 8.71 -18.85 -5.97
CA LEU B 20 9.48 -18.69 -4.75
C LEU B 20 8.68 -19.10 -3.54
N LYS B 21 7.45 -18.60 -3.45
CA LYS B 21 6.56 -18.89 -2.31
C LYS B 21 6.26 -20.37 -2.21
N PHE B 22 5.84 -20.95 -3.33
CA PHE B 22 5.54 -22.37 -3.41
C PHE B 22 6.73 -23.20 -2.96
N ALA B 23 7.93 -22.86 -3.46
CA ALA B 23 9.14 -23.59 -3.10
C ALA B 23 9.47 -23.41 -1.63
N ARG B 24 9.23 -22.21 -1.10
CA ARG B 24 9.51 -21.90 0.31
C ARG B 24 8.56 -22.64 1.24
N ASP B 25 7.40 -23.03 0.71
CA ASP B 25 6.40 -23.72 1.51
C ASP B 25 6.65 -25.23 1.56
N ASN B 26 7.39 -25.76 0.59
CA ASN B 26 7.69 -27.19 0.49
C ASN B 26 9.17 -27.50 0.72
N ASN B 27 9.82 -26.74 1.59
CA ASN B 27 11.27 -26.86 1.83
C ASN B 27 12.08 -27.21 0.57
N ILE B 28 11.72 -26.58 -0.54
CA ILE B 28 12.60 -26.48 -1.70
C ILE B 28 13.35 -25.16 -1.61
N ASP B 29 14.66 -25.22 -1.72
CA ASP B 29 15.50 -24.07 -1.46
C ASP B 29 15.72 -23.20 -2.72
N ILE B 30 15.27 -21.96 -2.63
CA ILE B 30 15.53 -20.97 -3.66
C ILE B 30 16.04 -19.73 -2.92
N SER B 31 17.19 -19.23 -3.33
CA SER B 31 17.78 -18.06 -2.70
C SER B 31 17.04 -16.84 -3.20
N ALA B 32 17.08 -15.78 -2.41
CA ALA B 32 16.42 -14.54 -2.71
C ALA B 32 17.21 -13.49 -1.97
N LEU B 33 17.25 -12.29 -2.50
CA LEU B 33 17.95 -11.22 -1.80
C LEU B 33 17.02 -9.99 -1.77
N CYS B 34 16.65 -9.48 -2.94
CA CYS B 34 15.95 -8.17 -2.98
C CYS B 34 14.46 -8.29 -2.68
N PHE B 35 13.99 -9.53 -2.63
CA PHE B 35 12.61 -9.79 -2.29
C PHE B 35 12.35 -9.70 -0.79
N LEU B 36 11.41 -8.84 -0.39
CA LEU B 36 11.04 -8.69 1.00
C LEU B 36 9.75 -7.87 1.12
N ASN B 37 8.95 -8.12 2.15
CA ASN B 37 7.76 -7.32 2.32
C ASN B 37 6.88 -7.47 1.06
N ASN B 38 6.91 -8.66 0.48
CA ASN B 38 6.22 -8.97 -0.77
C ASN B 38 6.52 -8.06 -1.98
N CYS B 39 7.76 -7.56 -2.07
CA CYS B 39 8.21 -6.69 -3.15
C CYS B 39 9.61 -7.12 -3.53
N ASN B 40 9.94 -7.08 -4.81
CA ASN B 40 11.34 -7.09 -5.18
C ASN B 40 11.67 -5.72 -5.73
N ASN B 41 12.92 -5.57 -6.19
CA ASN B 41 13.47 -4.32 -6.70
C ASN B 41 13.15 -4.20 -8.19
N ASP B 42 12.08 -3.53 -8.53
CA ASP B 42 11.50 -3.70 -9.85
C ASP B 42 12.43 -3.20 -10.97
N ILE B 43 13.31 -2.26 -10.64
CA ILE B 43 14.11 -1.54 -11.62
C ILE B 43 15.52 -2.10 -11.84
N ASN B 44 16.00 -2.92 -10.92
CA ASN B 44 17.24 -3.65 -11.19
C ASN B 44 17.17 -4.87 -10.29
N LYS B 45 16.29 -5.78 -10.69
CA LYS B 45 16.06 -7.04 -10.00
C LYS B 45 17.39 -7.73 -9.75
N CYS B 46 17.55 -8.27 -8.56
CA CYS B 46 18.83 -8.81 -8.15
C CYS B 46 19.10 -10.11 -8.89
N GLU B 47 18.02 -10.80 -9.23
CA GLU B 47 18.03 -12.09 -9.95
C GLU B 47 18.71 -13.23 -9.18
N ILE B 48 18.85 -13.06 -7.86
CA ILE B 48 19.35 -14.14 -7.02
C ILE B 48 18.36 -15.29 -6.92
N CYS B 49 17.09 -15.02 -7.19
CA CYS B 49 16.04 -16.05 -7.13
C CYS B 49 15.84 -16.74 -8.48
N THR B 50 16.87 -16.75 -9.30
CA THR B 50 16.71 -17.24 -10.66
C THR B 50 16.42 -18.72 -10.63
N VAL B 51 15.47 -19.16 -11.47
CA VAL B 51 15.27 -20.59 -11.73
C VAL B 51 15.08 -20.81 -13.22
N GLU B 52 15.09 -22.07 -13.63
CA GLU B 52 14.87 -22.43 -15.02
C GLU B 52 13.51 -23.07 -15.18
N VAL B 53 12.67 -22.51 -16.04
CA VAL B 53 11.44 -23.20 -16.40
C VAL B 53 11.61 -23.69 -17.84
N GLU B 54 11.46 -24.99 -17.99
CA GLU B 54 11.72 -25.64 -19.25
C GLU B 54 10.74 -25.15 -20.28
N GLY B 55 11.28 -24.73 -21.41
CA GLY B 55 10.48 -24.18 -22.49
C GLY B 55 10.46 -22.67 -22.52
N THR B 56 10.92 -22.02 -21.45
CA THR B 56 10.95 -20.55 -21.40
C THR B 56 12.36 -20.02 -21.17
N GLY B 57 13.09 -20.64 -20.25
CA GLY B 57 14.44 -20.19 -19.92
C GLY B 57 14.56 -19.70 -18.48
N LEU B 58 15.48 -18.77 -18.25
CA LEU B 58 15.75 -18.30 -16.87
C LEU B 58 14.72 -17.25 -16.48
N VAL B 59 14.15 -17.45 -15.29
CA VAL B 59 13.12 -16.57 -14.74
C VAL B 59 13.43 -16.24 -13.27
N THR B 60 12.89 -15.13 -12.78
CA THR B 60 12.98 -14.79 -11.37
C THR B 60 11.80 -15.43 -10.63
N ALA B 61 12.11 -16.35 -9.73
CA ALA B 61 11.10 -17.07 -8.96
C ALA B 61 10.22 -16.18 -8.08
N CYS B 62 10.76 -15.06 -7.63
CA CYS B 62 10.06 -14.25 -6.63
C CYS B 62 8.86 -13.50 -7.20
N ASP B 63 8.84 -13.29 -8.51
CA ASP B 63 7.74 -12.52 -9.14
C ASP B 63 7.19 -13.20 -10.41
N THR B 64 7.22 -14.53 -10.42
CA THR B 64 6.64 -15.29 -11.52
C THR B 64 5.75 -16.38 -10.95
N LEU B 65 4.50 -16.40 -11.40
CA LEU B 65 3.51 -17.34 -10.89
C LEU B 65 3.64 -18.75 -11.46
N ILE B 66 3.30 -19.73 -10.64
CA ILE B 66 3.27 -21.10 -11.11
C ILE B 66 2.12 -21.28 -12.13
N GLU B 67 2.36 -22.09 -13.16
CA GLU B 67 1.35 -22.41 -14.17
C GLU B 67 1.30 -23.93 -14.39
N ASP B 68 0.32 -24.36 -15.19
CA ASP B 68 0.08 -25.78 -15.39
C ASP B 68 1.25 -26.48 -16.07
N GLY B 69 1.75 -27.53 -15.42
CA GLY B 69 2.75 -28.39 -16.03
C GLY B 69 4.05 -27.68 -16.29
N MET B 70 4.32 -26.61 -15.55
CA MET B 70 5.63 -26.00 -15.56
C MET B 70 6.63 -27.03 -15.10
N ILE B 71 7.80 -27.02 -15.74
CA ILE B 71 8.89 -27.92 -15.36
C ILE B 71 10.05 -27.09 -14.86
N ILE B 72 10.34 -27.17 -13.57
CA ILE B 72 11.25 -26.21 -12.93
C ILE B 72 12.54 -26.84 -12.44
N ASN B 73 13.65 -26.19 -12.77
CA ASN B 73 14.95 -26.60 -12.28
C ASN B 73 15.56 -25.49 -11.48
N THR B 74 15.60 -25.67 -10.17
CA THR B 74 16.10 -24.66 -9.28
C THR B 74 17.61 -24.65 -9.22
N ASN B 75 18.23 -25.71 -9.73
CA ASN B 75 19.61 -26.01 -9.38
C ASN B 75 20.49 -26.40 -10.56
N SER B 76 20.10 -25.95 -11.75
CA SER B 76 20.88 -26.20 -12.94
C SER B 76 22.15 -25.34 -12.97
N ASP B 77 23.09 -25.68 -13.85
CA ASP B 77 24.34 -24.93 -13.94
C ASP B 77 24.08 -23.57 -14.54
N ALA B 78 23.12 -23.48 -15.45
CA ALA B 78 22.73 -22.19 -16.01
C ALA B 78 22.19 -21.30 -14.89
N VAL B 79 21.46 -21.92 -13.95
CA VAL B 79 20.89 -21.20 -12.81
C VAL B 79 22.01 -20.75 -11.87
N ASN B 80 22.85 -21.68 -11.47
CA ASN B 80 23.92 -21.36 -10.52
C ASN B 80 24.94 -20.41 -11.12
N GLU B 81 25.13 -20.50 -12.43
CA GLU B 81 26.03 -19.60 -13.11
C GLU B 81 25.49 -18.17 -13.06
N LYS B 82 24.19 -18.01 -13.32
CA LYS B 82 23.58 -16.70 -13.26
C LYS B 82 23.75 -16.11 -11.85
N ILE B 83 23.41 -16.91 -10.84
CA ILE B 83 23.34 -16.44 -9.44
C ILE B 83 24.75 -16.08 -8.95
N LYS B 84 25.70 -16.97 -9.16
CA LYS B 84 27.10 -16.73 -8.77
C LYS B 84 27.63 -15.44 -9.43
N SER B 85 27.31 -15.26 -10.69
CA SER B 85 27.70 -14.07 -11.43
C SER B 85 27.10 -12.79 -10.79
N ARG B 86 25.83 -12.84 -10.46
CA ARG B 86 25.17 -11.68 -9.84
C ARG B 86 25.81 -11.33 -8.50
N ILE B 87 26.14 -12.35 -7.72
CA ILE B 87 26.80 -12.17 -6.42
C ILE B 87 28.22 -11.58 -6.59
N SER B 88 28.95 -12.10 -7.57
CA SER B 88 30.26 -11.56 -7.91
C SER B 88 30.19 -10.05 -8.27
N GLN B 89 29.20 -9.65 -9.05
CA GLN B 89 29.04 -8.23 -9.40
C GLN B 89 28.76 -7.38 -8.18
N LEU B 90 27.99 -7.93 -7.24
CA LEU B 90 27.73 -7.23 -5.98
C LEU B 90 29.02 -7.12 -5.13
N LEU B 91 29.83 -8.18 -5.14
CA LEU B 91 31.11 -8.12 -4.44
C LEU B 91 32.02 -7.05 -5.04
N ASP B 92 31.95 -6.82 -6.36
CA ASP B 92 32.73 -5.73 -7.00
C ASP B 92 32.38 -4.33 -6.49
N ILE B 93 31.23 -4.17 -5.85
CA ILE B 93 30.85 -2.88 -5.27
C ILE B 93 30.73 -2.93 -3.74
N HIS B 94 31.30 -3.97 -3.15
CA HIS B 94 31.10 -4.26 -1.73
C HIS B 94 32.44 -4.39 -0.99
N GLU B 95 32.65 -3.58 0.03
CA GLU B 95 33.82 -3.67 0.90
C GLU B 95 33.66 -4.86 1.84
N PHE B 96 34.24 -5.97 1.42
CA PHE B 96 33.99 -7.28 2.02
C PHE B 96 35.03 -7.51 3.14
N LYS B 97 34.72 -7.00 4.32
CA LYS B 97 35.62 -6.97 5.45
C LYS B 97 34.80 -7.25 6.69
N CYS B 98 34.42 -8.51 6.85
CA CYS B 98 33.42 -8.90 7.84
C CYS B 98 33.90 -8.83 9.30
N GLY B 99 35.22 -8.93 9.52
CA GLY B 99 35.78 -8.88 10.88
C GLY B 99 35.20 -7.85 11.84
N PRO B 100 35.40 -6.57 11.54
CA PRO B 100 34.88 -5.46 12.35
C PRO B 100 33.44 -5.01 11.95
N CYS B 101 32.78 -5.75 11.07
CA CYS B 101 31.48 -5.29 10.58
C CYS B 101 30.33 -5.61 11.54
N ASN B 102 29.43 -4.64 11.76
CA ASN B 102 28.36 -4.82 12.74
C ASN B 102 27.24 -5.77 12.31
N ARG B 103 27.33 -6.40 11.13
CA ARG B 103 26.37 -7.45 10.71
C ARG B 103 27.05 -8.81 10.52
N ARG B 104 28.31 -8.88 10.93
CA ARG B 104 29.10 -10.09 10.88
C ARG B 104 28.33 -11.37 11.26
N GLU B 105 27.60 -11.31 12.36
CA GLU B 105 26.97 -12.51 12.89
C GLU B 105 25.61 -12.80 12.24
N ASN B 106 25.01 -11.85 11.55
CA ASN B 106 23.73 -12.14 10.89
C ASN B 106 23.54 -11.48 9.53
N CYS B 107 24.59 -11.42 8.72
CA CYS B 107 24.51 -10.86 7.38
C CYS B 107 23.97 -11.82 6.29
N GLU B 108 22.96 -11.36 5.53
CA GLU B 108 22.39 -12.15 4.43
C GLU B 108 23.33 -12.27 3.23
N PHE B 109 24.12 -11.24 2.98
CA PHE B 109 24.97 -11.22 1.82
C PHE B 109 26.16 -12.18 2.01
N LEU B 110 26.75 -12.15 3.19
CA LEU B 110 27.83 -13.08 3.54
C LEU B 110 27.37 -14.54 3.36
N LYS B 111 26.17 -14.85 3.84
CA LYS B 111 25.61 -16.18 3.67
C LYS B 111 25.44 -16.57 2.20
N LEU B 112 25.06 -15.63 1.35
CA LEU B 112 24.97 -15.88 -0.07
C LEU B 112 26.35 -16.11 -0.69
N VAL B 113 27.32 -15.31 -0.29
CA VAL B 113 28.65 -15.41 -0.85
C VAL B 113 29.22 -16.80 -0.54
N ILE B 114 28.94 -17.28 0.66
CA ILE B 114 29.45 -18.57 1.09
C ILE B 114 28.72 -19.67 0.35
N LYS B 115 27.39 -19.56 0.27
CA LYS B 115 26.57 -20.55 -0.42
C LYS B 115 27.03 -20.80 -1.86
N TYR B 116 27.38 -19.73 -2.58
CA TYR B 116 27.68 -19.88 -4.00
C TYR B 116 29.18 -19.82 -4.29
N LYS B 117 29.99 -19.71 -3.23
CA LYS B 117 31.44 -19.50 -3.32
C LYS B 117 31.77 -18.43 -4.35
N ALA B 118 31.16 -17.25 -4.18
CA ALA B 118 31.29 -16.19 -5.16
C ALA B 118 32.55 -15.42 -4.85
N ARG B 119 33.19 -14.90 -5.88
CA ARG B 119 34.35 -14.01 -5.68
C ARG B 119 34.22 -12.82 -6.60
N ALA B 120 34.73 -11.69 -6.14
CA ALA B 120 34.74 -10.46 -6.90
C ALA B 120 35.59 -10.59 -8.16
N SER B 121 35.30 -9.78 -9.19
CA SER B 121 36.23 -9.61 -10.29
C SER B 121 37.42 -8.82 -9.78
N LYS B 122 37.12 -7.75 -9.08
CA LYS B 122 38.15 -6.91 -8.49
C LYS B 122 37.67 -6.51 -7.10
N PRO B 123 38.42 -6.88 -6.06
CA PRO B 123 38.01 -6.46 -4.71
C PRO B 123 37.78 -4.96 -4.62
N PHE B 124 36.70 -4.60 -3.91
CA PHE B 124 36.39 -3.21 -3.66
C PHE B 124 37.02 -2.78 -2.33
N LEU B 125 38.06 -1.97 -2.42
CA LEU B 125 38.89 -1.64 -1.26
C LEU B 125 39.15 -0.16 -1.12
N PRO B 126 38.07 0.63 -0.99
CA PRO B 126 38.21 2.08 -0.81
C PRO B 126 39.18 2.44 0.30
N LYS B 127 40.12 3.32 -0.03
CA LYS B 127 41.16 3.72 0.92
C LYS B 127 40.61 4.71 1.94
N ASP B 128 39.63 5.49 1.48
CA ASP B 128 39.04 6.55 2.26
C ASP B 128 37.50 6.51 2.14
N LYS B 129 36.84 6.03 3.20
CA LYS B 129 35.39 5.79 3.16
C LYS B 129 34.57 7.02 3.47
N THR B 130 35.25 8.14 3.70
CA THR B 130 34.60 9.40 4.06
C THR B 130 33.37 9.77 3.23
N GLU B 131 33.50 9.76 1.92
CA GLU B 131 32.38 10.18 1.08
C GLU B 131 31.34 9.05 0.89
N TYR B 132 31.60 7.86 1.42
CA TYR B 132 30.62 6.78 1.42
C TYR B 132 29.72 6.77 2.64
N VAL B 133 30.14 7.49 3.67
CA VAL B 133 29.51 7.43 4.98
C VAL B 133 28.73 8.71 5.34
N ASP B 134 27.54 8.52 5.88
CA ASP B 134 26.72 9.64 6.34
C ASP B 134 26.37 9.37 7.78
N GLU B 135 26.96 10.13 8.70
CA GLU B 135 26.68 10.02 10.13
C GLU B 135 26.10 11.30 10.65
N ARG B 136 25.45 12.05 9.79
CA ARG B 136 24.94 13.33 10.19
C ARG B 136 23.74 13.22 11.13
N SER B 137 22.91 12.20 10.95
CA SER B 137 21.67 12.09 11.67
C SER B 137 21.90 11.75 13.15
N LYS B 138 20.98 12.17 14.01
CA LYS B 138 20.96 11.75 15.44
C LYS B 138 20.53 10.30 15.61
N SER B 139 20.06 9.68 14.53
CA SER B 139 19.38 8.37 14.59
C SER B 139 19.87 7.30 13.63
N LEU B 140 20.08 7.64 12.35
CA LEU B 140 20.43 6.67 11.31
C LEU B 140 21.80 6.96 10.75
N THR B 141 22.51 5.94 10.30
CA THR B 141 23.73 6.21 9.56
C THR B 141 23.74 5.33 8.33
N VAL B 142 24.44 5.80 7.32
CA VAL B 142 24.59 5.12 6.04
C VAL B 142 26.08 4.83 5.79
N ASP B 143 26.39 3.59 5.39
CA ASP B 143 27.71 3.21 4.89
C ASP B 143 27.56 2.57 3.49
N ARG B 144 27.76 3.38 2.44
CA ARG B 144 27.43 2.94 1.08
C ARG B 144 28.48 2.00 0.53
N THR B 145 29.60 1.82 1.25
CA THR B 145 30.54 0.76 0.87
C THR B 145 29.92 -0.62 1.06
N LYS B 146 28.83 -0.72 1.82
CA LYS B 146 28.11 -2.01 2.00
C LYS B 146 26.85 -2.15 1.17
N CYS B 147 26.39 -1.05 0.58
CA CYS B 147 25.07 -1.07 -0.04
C CYS B 147 24.99 -1.85 -1.38
N LEU B 148 24.07 -2.80 -1.42
CA LEU B 148 23.85 -3.65 -2.59
C LEU B 148 22.84 -3.06 -3.60
N LEU B 149 22.26 -1.91 -3.26
CA LEU B 149 21.21 -1.27 -4.05
C LEU B 149 20.09 -2.25 -4.37
N CYS B 150 19.72 -3.04 -3.36
CA CYS B 150 18.64 -4.00 -3.44
C CYS B 150 17.26 -3.34 -3.32
N GLY B 151 17.22 -2.09 -2.86
CA GLY B 151 15.95 -1.40 -2.76
C GLY B 151 15.05 -1.80 -1.59
N ARG B 152 15.48 -2.72 -0.72
CA ARG B 152 14.62 -3.19 0.37
C ARG B 152 14.26 -2.08 1.36
N CYS B 153 15.18 -1.14 1.62
CA CYS B 153 14.93 0.01 2.48
C CYS B 153 13.92 0.99 1.88
N VAL B 154 14.09 1.28 0.60
CA VAL B 154 13.19 2.15 -0.16
C VAL B 154 11.76 1.55 -0.14
N ASN B 155 11.64 0.25 -0.44
CA ASN B 155 10.34 -0.42 -0.40
C ASN B 155 9.77 -0.44 1.02
N ALA B 156 10.61 -0.69 2.00
CA ALA B 156 10.10 -0.83 3.35
C ALA B 156 9.60 0.52 3.86
N CYS B 157 10.32 1.60 3.52
CA CYS B 157 9.91 2.94 3.94
C CYS B 157 8.55 3.26 3.30
N GLY B 158 8.46 3.05 2.00
CA GLY B 158 7.21 3.24 1.29
C GLY B 158 6.06 2.46 1.91
N LYS B 159 6.28 1.18 2.14
CA LYS B 159 5.20 0.36 2.66
C LYS B 159 4.89 0.67 4.11
N ASN B 160 5.91 0.83 4.95
CA ASN B 160 5.68 1.02 6.37
C ASN B 160 5.24 2.43 6.74
N THR B 161 5.72 3.43 6.00
CA THR B 161 5.44 4.81 6.41
C THR B 161 4.74 5.64 5.36
N GLU B 162 4.87 5.25 4.09
CA GLU B 162 4.41 6.04 2.94
C GLU B 162 4.97 7.45 2.93
N THR B 163 6.06 7.73 3.65
CA THR B 163 6.75 8.98 3.44
C THR B 163 7.60 8.96 2.19
N TYR B 164 8.08 7.77 1.84
CA TYR B 164 9.14 7.66 0.82
C TYR B 164 10.32 8.55 1.09
N ALA B 165 10.65 8.72 2.37
CA ALA B 165 11.82 9.51 2.78
C ALA B 165 13.13 8.87 2.30
N MET B 166 13.11 7.56 2.09
CA MET B 166 14.29 6.83 1.57
C MET B 166 14.10 6.65 0.09
N LYS B 167 15.10 7.03 -0.69
CA LYS B 167 14.96 7.15 -2.14
C LYS B 167 16.20 6.65 -2.82
N PHE B 168 16.06 6.21 -4.06
CA PHE B 168 17.20 6.17 -4.97
C PHE B 168 17.53 7.58 -5.45
N LEU B 169 18.82 7.86 -5.57
CA LEU B 169 19.32 9.17 -6.00
C LEU B 169 20.39 8.95 -7.06
N ASN B 170 20.48 9.90 -7.97
CA ASN B 170 21.60 9.99 -8.89
C ASN B 170 22.64 10.94 -8.34
N LYS B 171 23.79 10.40 -7.95
CA LYS B 171 24.91 11.20 -7.43
C LYS B 171 26.16 10.97 -8.27
N ASN B 172 26.69 12.01 -8.89
CA ASN B 172 27.91 11.84 -9.69
C ASN B 172 27.72 10.82 -10.82
N GLY B 173 26.51 10.70 -11.34
CA GLY B 173 26.20 9.69 -12.32
C GLY B 173 26.25 8.25 -11.81
N LYS B 174 26.30 8.05 -10.49
CA LYS B 174 26.12 6.70 -9.93
C LYS B 174 24.93 6.65 -8.98
N THR B 175 24.32 5.47 -8.89
CA THR B 175 23.14 5.29 -8.06
C THR B 175 23.46 5.09 -6.56
N ILE B 176 22.73 5.78 -5.70
CA ILE B 176 22.87 5.59 -4.28
C ILE B 176 21.48 5.57 -3.70
N ILE B 177 21.36 5.09 -2.47
CA ILE B 177 20.17 5.42 -1.70
C ILE B 177 20.49 6.52 -0.70
N GLY B 178 19.44 7.23 -0.27
CA GLY B 178 19.58 8.31 0.70
C GLY B 178 18.32 9.14 0.78
N ALA B 179 18.41 10.23 1.52
CA ALA B 179 17.25 11.07 1.76
C ALA B 179 17.12 12.05 0.60
N GLU B 180 16.00 12.79 0.54
CA GLU B 180 15.78 13.77 -0.51
C GLU B 180 16.99 14.68 -0.71
N ASP B 181 17.44 14.76 -1.96
CA ASP B 181 18.56 15.61 -2.34
C ASP B 181 19.80 15.41 -1.50
N GLU B 182 19.93 14.20 -0.96
CA GLU B 182 21.07 13.83 -0.15
C GLU B 182 21.22 14.69 1.13
N LYS B 183 20.10 15.23 1.58
CA LYS B 183 20.07 15.95 2.84
C LYS B 183 20.20 14.95 4.00
N CYS B 184 20.52 15.48 5.16
CA CYS B 184 20.45 14.68 6.37
C CYS B 184 19.01 14.26 6.59
N PHE B 185 18.79 12.97 6.84
CA PHE B 185 17.44 12.45 7.14
C PHE B 185 16.64 13.31 8.14
N ASP B 186 17.31 13.77 9.19
CA ASP B 186 16.64 14.53 10.23
C ASP B 186 16.00 15.81 9.66
N ASP B 187 16.54 16.31 8.56
CA ASP B 187 16.08 17.57 7.99
C ASP B 187 15.02 17.36 6.90
N THR B 188 14.54 16.12 6.74
CA THR B 188 13.53 15.81 5.75
C THR B 188 12.27 15.38 6.46
N ASN B 189 11.30 14.88 5.70
CA ASN B 189 10.08 14.34 6.31
C ASN B 189 10.25 12.95 6.96
N CYS B 190 11.46 12.39 6.87
CA CYS B 190 11.83 11.13 7.57
C CYS B 190 11.32 11.07 9.00
N LEU B 191 10.80 9.92 9.44
CA LEU B 191 10.33 9.79 10.82
C LEU B 191 11.42 9.27 11.78
N LEU B 192 12.52 8.81 11.20
CA LEU B 192 13.70 8.27 11.92
C LEU B 192 13.32 6.99 12.63
N CYS B 193 12.28 6.34 12.12
CA CYS B 193 11.77 5.10 12.68
C CYS B 193 12.65 3.90 12.47
N GLY B 194 13.55 3.99 11.50
CA GLY B 194 14.50 2.91 11.24
C GLY B 194 13.92 1.63 10.65
N GLN B 195 12.69 1.67 10.12
CA GLN B 195 12.19 0.47 9.42
C GLN B 195 13.09 0.12 8.22
N CYS B 196 13.77 1.10 7.64
CA CYS B 196 14.77 0.84 6.58
C CYS B 196 16.01 0.03 7.07
N ILE B 197 16.47 0.24 8.29
CA ILE B 197 17.53 -0.56 8.88
C ILE B 197 17.09 -2.00 9.03
N ILE B 198 15.89 -2.16 9.59
CA ILE B 198 15.35 -3.51 9.82
C ILE B 198 15.27 -4.28 8.49
N ALA B 199 15.02 -3.59 7.37
CA ALA B 199 14.84 -4.29 6.08
C ALA B 199 16.17 -4.58 5.37
N CYS B 200 17.22 -3.95 5.84
CA CYS B 200 18.49 -3.94 5.17
C CYS B 200 19.22 -5.27 5.40
N PRO B 201 19.59 -5.97 4.31
CA PRO B 201 20.27 -7.27 4.45
C PRO B 201 21.72 -7.24 4.96
N VAL B 202 22.35 -6.07 4.96
CA VAL B 202 23.75 -5.92 5.24
C VAL B 202 23.94 -4.72 6.19
N ALA B 203 25.17 -4.29 6.37
CA ALA B 203 25.45 -3.23 7.32
C ALA B 203 25.50 -1.86 6.64
N ALA B 204 24.69 -1.64 5.60
CA ALA B 204 24.72 -0.34 4.96
C ALA B 204 23.94 0.73 5.75
N LEU B 205 22.90 0.31 6.45
CA LEU B 205 22.17 1.20 7.34
C LEU B 205 22.32 0.72 8.77
N SER B 206 22.58 1.65 9.67
CA SER B 206 22.73 1.36 11.08
C SER B 206 22.13 2.45 11.92
N GLU B 207 22.02 2.18 13.21
CA GLU B 207 21.66 3.22 14.14
C GLU B 207 22.89 4.12 14.35
N LYS B 208 22.64 5.39 14.66
CA LYS B 208 23.66 6.30 15.14
C LYS B 208 24.17 5.85 16.51
N SER B 209 25.43 5.43 16.62
CA SER B 209 25.92 4.83 17.89
C SER B 209 25.95 5.79 19.08
N HIS B 210 25.47 5.36 20.25
CA HIS B 210 25.70 6.10 21.49
C HIS B 210 26.64 5.32 22.40
N MET B 211 27.23 4.24 21.90
CA MET B 211 27.98 3.34 22.79
C MET B 211 29.19 4.04 23.42
N ASP B 212 29.84 4.92 22.67
CA ASP B 212 30.94 5.67 23.23
C ASP B 212 30.48 6.62 24.31
N ARG B 213 29.28 7.23 24.17
CA ARG B 213 28.73 8.12 25.21
C ARG B 213 28.67 7.35 26.51
N VAL B 214 28.14 6.15 26.40
CA VAL B 214 27.86 5.32 27.57
C VAL B 214 29.15 4.83 28.21
N LYS B 215 30.04 4.23 27.41
CA LYS B 215 31.32 3.76 27.92
C LYS B 215 32.07 4.89 28.63
N ASN B 216 32.08 6.07 28.01
CA ASN B 216 32.75 7.21 28.61
C ASN B 216 32.13 7.58 29.96
N ALA B 217 30.81 7.59 30.06
CA ALA B 217 30.17 7.91 31.31
C ALA B 217 30.44 6.81 32.37
N LEU B 218 30.36 5.54 31.98
CA LEU B 218 30.69 4.45 32.91
C LEU B 218 32.09 4.57 33.49
N ASN B 219 33.01 5.14 32.70
CA ASN B 219 34.42 5.18 33.08
C ASN B 219 34.79 6.45 33.78
N ALA B 220 33.91 7.45 33.70
CA ALA B 220 34.14 8.72 34.34
C ALA B 220 33.95 8.51 35.86
N PRO B 221 35.00 8.77 36.68
CA PRO B 221 34.91 8.47 38.12
C PRO B 221 33.71 9.08 38.83
N GLU B 222 33.40 10.34 38.50
CA GLU B 222 32.39 11.12 39.17
C GLU B 222 30.98 10.88 38.67
N LYS B 223 30.84 10.18 37.54
CA LYS B 223 29.51 10.01 36.93
C LYS B 223 28.78 8.84 37.58
N HIS B 224 27.52 9.08 37.94
CA HIS B 224 26.63 8.06 38.45
C HIS B 224 25.70 7.66 37.30
N VAL B 225 25.95 6.51 36.68
CA VAL B 225 25.18 6.15 35.49
C VAL B 225 23.96 5.27 35.78
N ILE B 226 22.78 5.83 35.54
CA ILE B 226 21.53 5.08 35.57
C ILE B 226 21.30 4.40 34.22
N VAL B 227 20.81 3.18 34.20
CA VAL B 227 20.27 2.62 32.99
C VAL B 227 18.83 2.19 33.25
N ALA B 228 18.03 2.22 32.20
CA ALA B 228 16.63 1.79 32.25
C ALA B 228 16.24 1.31 30.85
N MET B 229 15.68 0.10 30.76
CA MET B 229 15.24 -0.44 29.48
C MET B 229 13.77 -0.27 29.16
N ALA B 230 13.52 -0.17 27.86
CA ALA B 230 12.18 -0.12 27.28
C ALA B 230 11.41 -1.41 27.51
N PRO B 231 10.08 -1.33 27.50
CA PRO B 231 9.27 -2.56 27.58
C PRO B 231 9.74 -3.65 26.63
N SER B 232 10.01 -3.31 25.37
CA SER B 232 10.23 -4.31 24.33
C SER B 232 11.58 -5.04 24.45
N VAL B 233 12.55 -4.46 25.14
CA VAL B 233 13.89 -5.02 25.17
C VAL B 233 13.91 -6.42 25.82
N ARG B 234 13.17 -6.59 26.92
CA ARG B 234 13.09 -7.87 27.63
C ARG B 234 12.36 -8.99 26.87
N ALA B 235 11.68 -8.65 25.76
CA ALA B 235 11.00 -9.61 24.92
C ALA B 235 11.77 -9.92 23.64
N SER B 236 12.94 -9.32 23.49
CA SER B 236 13.64 -9.33 22.21
C SER B 236 15.12 -9.68 22.26
N ILE B 237 15.85 -9.20 23.26
CA ILE B 237 17.31 -9.20 23.15
C ILE B 237 17.86 -10.63 23.23
N GLY B 238 17.08 -11.54 23.79
CA GLY B 238 17.42 -12.95 23.83
C GLY B 238 17.68 -13.57 22.46
N GLU B 239 16.96 -13.09 21.45
CA GLU B 239 17.19 -13.53 20.07
C GLU B 239 18.64 -13.44 19.64
N LEU B 240 19.37 -12.43 20.15
CA LEU B 240 20.75 -12.21 19.77
C LEU B 240 21.75 -13.03 20.59
N PHE B 241 21.23 -13.88 21.49
CA PHE B 241 22.09 -14.67 22.37
C PHE B 241 21.67 -16.11 22.19
N ASN B 242 21.16 -16.41 21.01
CA ASN B 242 20.85 -17.80 20.64
C ASN B 242 19.73 -18.42 21.51
N MET B 243 18.88 -17.60 22.12
CA MET B 243 17.89 -18.12 23.05
C MET B 243 16.54 -18.40 22.40
N GLY B 244 16.43 -18.09 21.12
CA GLY B 244 15.18 -18.24 20.39
C GLY B 244 14.27 -17.02 20.53
N PHE B 245 13.02 -17.17 20.08
CA PHE B 245 12.04 -16.09 20.05
C PHE B 245 10.99 -16.13 21.17
N GLY B 246 10.53 -14.97 21.61
CA GLY B 246 9.51 -14.89 22.64
C GLY B 246 9.93 -15.29 24.04
N VAL B 247 11.21 -15.17 24.32
CA VAL B 247 11.72 -15.49 25.64
C VAL B 247 11.78 -14.24 26.50
N ASP B 248 11.23 -14.32 27.71
CA ASP B 248 11.29 -13.21 28.65
C ASP B 248 12.63 -13.26 29.41
N VAL B 249 13.50 -12.29 29.14
CA VAL B 249 14.83 -12.29 29.73
C VAL B 249 15.09 -11.10 30.65
N THR B 250 14.00 -10.59 31.26
CA THR B 250 14.04 -9.38 32.09
C THR B 250 15.14 -9.49 33.16
N GLY B 251 15.15 -10.60 33.89
CA GLY B 251 16.06 -10.79 35.02
C GLY B 251 17.51 -10.91 34.63
N LYS B 252 17.78 -11.52 33.48
CA LYS B 252 19.14 -11.59 32.96
C LYS B 252 19.66 -10.20 32.54
N ILE B 253 18.81 -9.36 31.98
CA ILE B 253 19.23 -8.02 31.57
C ILE B 253 19.68 -7.22 32.79
N TYR B 254 18.85 -7.28 33.84
CA TYR B 254 19.18 -6.60 35.08
C TYR B 254 20.56 -7.06 35.56
N THR B 255 20.80 -8.37 35.52
CA THR B 255 22.14 -8.87 35.89
C THR B 255 23.22 -8.41 34.93
N ALA B 256 22.98 -8.46 33.62
CA ALA B 256 23.99 -8.06 32.66
C ALA B 256 24.35 -6.59 32.84
N LEU B 257 23.35 -5.76 33.12
CA LEU B 257 23.60 -4.32 33.24
C LEU B 257 24.50 -4.04 34.43
N ARG B 258 24.28 -4.73 35.54
CA ARG B 258 25.16 -4.54 36.70
C ARG B 258 26.58 -4.97 36.36
N GLN B 259 26.71 -6.07 35.64
CA GLN B 259 28.02 -6.55 35.26
C GLN B 259 28.70 -5.58 34.30
N LEU B 260 27.92 -4.79 33.55
CA LEU B 260 28.53 -3.80 32.66
C LEU B 260 29.03 -2.59 33.42
N GLY B 261 28.74 -2.50 34.72
CA GLY B 261 29.22 -1.39 35.51
C GLY B 261 28.23 -0.26 35.76
N PHE B 262 26.97 -0.41 35.34
CA PHE B 262 25.97 0.63 35.61
C PHE B 262 25.75 0.80 37.10
N ASP B 263 25.52 2.03 37.51
CA ASP B 263 25.48 2.35 38.94
C ASP B 263 24.10 2.20 39.55
N LYS B 264 23.09 2.17 38.69
CA LYS B 264 21.71 2.01 39.15
C LYS B 264 20.87 1.44 38.05
N ILE B 265 20.06 0.45 38.41
CA ILE B 265 19.25 -0.32 37.48
C ILE B 265 17.77 0.00 37.69
N PHE B 266 17.25 0.79 36.78
CA PHE B 266 15.87 1.22 36.83
C PHE B 266 15.18 0.63 35.59
N ASP B 267 13.98 1.10 35.29
CA ASP B 267 13.22 0.52 34.18
C ASP B 267 12.32 1.58 33.53
N ILE B 268 12.31 1.64 32.20
CA ILE B 268 11.44 2.59 31.51
C ILE B 268 9.96 2.28 31.76
N ASN B 269 9.63 1.03 32.09
CA ASN B 269 8.27 0.72 32.43
C ASN B 269 7.79 1.55 33.65
N PHE B 270 8.70 1.98 34.54
CA PHE B 270 8.35 2.91 35.65
C PHE B 270 7.93 4.27 35.02
N GLY B 271 8.67 4.70 34.00
CA GLY B 271 8.35 5.92 33.29
C GLY B 271 7.05 5.76 32.51
N ALA B 272 6.74 4.53 32.08
CA ALA B 272 5.47 4.30 31.38
C ALA B 272 4.32 4.55 32.37
N ASP B 273 4.45 4.05 33.57
CA ASP B 273 3.41 4.29 34.58
C ASP B 273 3.24 5.80 34.86
N MET B 274 4.36 6.53 34.90
CA MET B 274 4.33 7.99 35.06
C MET B 274 3.54 8.66 33.90
N THR B 275 3.87 8.28 32.66
CA THR B 275 3.19 8.80 31.48
C THR B 275 1.70 8.56 31.61
N ILE B 276 1.30 7.36 32.02
CA ILE B 276 -0.13 7.14 32.26
C ILE B 276 -0.69 8.01 33.41
N MET B 277 0.00 8.14 34.55
CA MET B 277 -0.49 9.06 35.59
C MET B 277 -0.82 10.43 35.02
N GLU B 278 0.11 11.00 34.25
CA GLU B 278 -0.11 12.29 33.62
C GLU B 278 -1.16 12.25 32.50
N GLU B 279 -1.11 11.24 31.64
CA GLU B 279 -1.96 11.23 30.44
C GLU B 279 -3.40 10.92 30.75
N ALA B 280 -3.61 9.92 31.60
CA ALA B 280 -4.94 9.58 32.09
C ALA B 280 -5.57 10.79 32.80
N THR B 281 -4.78 11.49 33.59
CA THR B 281 -5.27 12.68 34.27
C THR B 281 -5.66 13.73 33.22
N GLU B 282 -4.83 13.93 32.19
CA GLU B 282 -5.11 14.91 31.15
C GLU B 282 -6.35 14.54 30.34
N LEU B 283 -6.52 13.24 30.07
CA LEU B 283 -7.69 12.79 29.35
C LEU B 283 -8.98 13.15 30.12
N VAL B 284 -8.98 12.89 31.42
CA VAL B 284 -10.15 13.22 32.25
C VAL B 284 -10.35 14.76 32.31
N GLN B 285 -9.27 15.52 32.41
CA GLN B 285 -9.38 16.97 32.36
C GLN B 285 -10.04 17.40 31.05
N ARG B 286 -9.63 16.79 29.95
CA ARG B 286 -10.19 17.16 28.67
C ARG B 286 -11.65 16.81 28.58
N ILE B 287 -12.04 15.64 29.07
CA ILE B 287 -13.45 15.31 29.19
C ILE B 287 -14.19 16.40 29.99
N GLU B 288 -13.63 16.83 31.11
CA GLU B 288 -14.27 17.88 31.93
C GLU B 288 -14.35 19.21 31.17
N ASN B 289 -13.45 19.42 30.21
CA ASN B 289 -13.30 20.68 29.48
C ASN B 289 -13.93 20.69 28.09
N ASN B 290 -14.50 19.55 27.71
CA ASN B 290 -14.98 19.31 26.37
C ASN B 290 -13.90 19.48 25.32
N GLY B 291 -12.66 19.18 25.66
CA GLY B 291 -11.61 19.10 24.67
C GLY B 291 -10.35 19.72 25.16
N PRO B 292 -9.41 20.00 24.24
CA PRO B 292 -9.57 19.77 22.79
C PRO B 292 -9.58 18.27 22.45
N PHE B 293 -10.45 17.89 21.52
CA PHE B 293 -10.55 16.52 21.04
C PHE B 293 -10.25 16.44 19.55
N PRO B 294 -9.70 15.30 19.09
CA PRO B 294 -9.24 14.18 19.94
C PRO B 294 -7.95 14.51 20.66
N MET B 295 -7.65 13.75 21.71
CA MET B 295 -6.33 13.83 22.31
C MET B 295 -5.53 12.73 21.62
N PHE B 296 -4.33 13.04 21.13
CA PHE B 296 -3.40 12.00 20.60
C PHE B 296 -2.27 11.71 21.57
N THR B 297 -1.82 10.46 21.60
CA THR B 297 -0.63 10.14 22.38
C THR B 297 0.55 10.91 21.82
N SER B 298 1.58 11.03 22.63
CA SER B 298 2.77 11.81 22.21
C SER B 298 4.06 11.08 22.54
N CYS B 299 3.96 9.78 22.81
CA CYS B 299 5.08 9.00 23.36
C CYS B 299 5.96 8.34 22.29
N CYS B 300 5.46 8.28 21.06
CA CYS B 300 6.20 7.78 19.91
C CYS B 300 6.84 8.92 19.16
N PRO B 301 8.18 9.04 19.19
CA PRO B 301 8.81 10.17 18.49
C PRO B 301 8.76 10.08 16.95
N GLY B 302 8.56 8.90 16.39
CA GLY B 302 8.28 8.77 14.97
C GLY B 302 6.97 9.46 14.61
N TRP B 303 5.91 9.20 15.39
CA TRP B 303 4.61 9.83 15.21
C TRP B 303 4.70 11.33 15.44
N VAL B 304 5.45 11.76 16.44
CA VAL B 304 5.60 13.19 16.67
C VAL B 304 6.24 13.87 15.46
N ARG B 305 7.27 13.28 14.87
CA ARG B 305 7.85 13.83 13.65
C ARG B 305 6.82 13.80 12.51
N GLN B 306 5.99 12.77 12.48
CA GLN B 306 5.01 12.69 11.40
C GLN B 306 4.02 13.85 11.52
N ALA B 307 3.52 14.06 12.72
CA ALA B 307 2.63 15.16 13.05
C ALA B 307 3.29 16.48 12.75
N GLU B 308 4.53 16.68 13.18
CA GLU B 308 5.26 17.90 12.88
C GLU B 308 5.40 18.13 11.37
N ASN B 309 5.68 17.08 10.62
CA ASN B 309 6.03 17.25 9.23
C ASN B 309 4.80 17.29 8.32
N TYR B 310 3.72 16.65 8.74
CA TYR B 310 2.57 16.45 7.86
C TYR B 310 1.23 16.96 8.41
N TYR B 311 1.09 17.02 9.74
CA TYR B 311 -0.17 17.41 10.41
C TYR B 311 0.09 18.40 11.56
N PRO B 312 0.83 19.48 11.29
CA PRO B 312 1.26 20.44 12.34
C PRO B 312 0.05 20.97 13.12
N GLU B 313 -1.08 21.12 12.42
CA GLU B 313 -2.33 21.52 13.04
C GLU B 313 -2.84 20.61 14.19
N LEU B 314 -2.36 19.36 14.25
CA LEU B 314 -2.71 18.44 15.35
C LEU B 314 -1.81 18.55 16.60
N LEU B 315 -0.73 19.32 16.54
CA LEU B 315 0.28 19.32 17.61
C LEU B 315 -0.30 19.77 18.92
N ASN B 316 -1.26 20.69 18.88
CA ASN B 316 -1.89 21.16 20.12
C ASN B 316 -2.77 20.09 20.75
N ASN B 317 -3.24 19.16 19.92
CA ASN B 317 -4.06 18.04 20.39
C ASN B 317 -3.26 16.89 21.06
N LEU B 318 -1.99 16.79 20.74
CA LEU B 318 -1.12 15.80 21.43
C LEU B 318 -1.19 15.98 22.94
N SER B 319 -1.22 14.88 23.68
CA SER B 319 -1.00 14.94 25.13
C SER B 319 0.30 15.67 25.48
N SER B 320 0.26 16.51 26.50
CA SER B 320 1.48 17.17 26.97
C SER B 320 2.37 16.28 27.83
N ALA B 321 1.93 15.11 28.24
CA ALA B 321 2.82 14.27 29.04
C ALA B 321 4.08 13.95 28.25
N LYS B 322 5.23 14.01 28.91
CA LYS B 322 6.43 13.53 28.28
C LYS B 322 6.28 12.02 28.02
N SER B 323 7.08 11.50 27.10
CA SER B 323 7.12 10.08 26.85
C SER B 323 7.79 9.34 28.01
N PRO B 324 7.56 8.03 28.13
CA PRO B 324 8.16 7.28 29.25
C PRO B 324 9.65 7.57 29.39
N GLN B 325 10.33 7.69 28.25
CA GLN B 325 11.76 7.88 28.21
C GLN B 325 12.08 9.23 28.83
N GLN B 326 11.44 10.26 28.31
CA GLN B 326 11.78 11.64 28.72
C GLN B 326 11.25 12.00 30.08
N ILE B 327 10.12 11.42 30.49
CA ILE B 327 9.50 11.71 31.77
C ILE B 327 10.31 11.03 32.87
N PHE B 328 10.77 9.83 32.55
CA PHE B 328 11.70 9.11 33.39
C PHE B 328 12.98 9.91 33.58
N GLY B 329 13.54 10.38 32.48
CA GLY B 329 14.78 11.12 32.47
C GLY B 329 14.69 12.37 33.32
N THR B 330 13.60 13.09 33.12
CA THR B 330 13.37 14.32 33.87
C THR B 330 13.38 14.03 35.37
N ALA B 331 12.63 13.01 35.80
CA ALA B 331 12.59 12.62 37.22
C ALA B 331 13.95 12.13 37.76
N SER B 332 14.73 11.48 36.90
CA SER B 332 16.02 10.95 37.27
C SER B 332 17.02 12.05 37.63
N LYS B 333 16.77 13.28 37.18
CA LYS B 333 17.64 14.42 37.47
C LYS B 333 17.10 15.32 38.60
N THR B 334 15.94 15.00 39.12
CA THR B 334 15.24 15.83 40.11
C THR B 334 14.84 14.99 41.33
N TYR B 335 13.79 14.19 41.19
CA TYR B 335 13.41 13.26 42.21
C TYR B 335 14.52 12.32 42.68
N TYR B 336 15.25 11.73 41.75
CA TYR B 336 16.22 10.71 42.14
C TYR B 336 17.37 11.30 43.01
N PRO B 337 17.97 12.44 42.63
CA PRO B 337 18.91 13.08 43.60
C PRO B 337 18.27 13.35 44.97
N SER B 338 17.00 13.74 44.99
CA SER B 338 16.31 14.04 46.25
C SER B 338 16.21 12.83 47.17
N ILE B 339 16.31 11.62 46.62
CA ILE B 339 16.23 10.41 47.46
C ILE B 339 17.52 9.61 47.48
N SER B 340 18.62 10.14 46.93
CA SER B 340 19.87 9.38 46.86
C SER B 340 21.08 10.15 47.44
N GLY B 341 21.00 11.48 47.41
CA GLY B 341 22.13 12.33 47.74
C GLY B 341 22.99 12.70 46.55
N LEU B 342 22.72 12.19 45.34
CA LEU B 342 23.59 12.48 44.19
C LEU B 342 23.51 13.94 43.82
N ASP B 343 24.64 14.52 43.45
CA ASP B 343 24.62 15.84 42.80
C ASP B 343 23.97 15.62 41.41
N PRO B 344 22.85 16.31 41.13
CA PRO B 344 22.16 16.14 39.83
C PRO B 344 23.11 16.23 38.64
N LYS B 345 24.09 17.13 38.66
CA LYS B 345 25.03 17.27 37.54
C LYS B 345 25.77 15.98 37.25
N ASN B 346 25.90 15.10 38.24
CA ASN B 346 26.71 13.89 38.11
C ASN B 346 25.92 12.66 37.67
N VAL B 347 24.60 12.79 37.62
CA VAL B 347 23.75 11.72 37.14
C VAL B 347 23.79 11.71 35.61
N PHE B 348 23.99 10.53 35.07
CA PHE B 348 24.03 10.34 33.63
C PHE B 348 23.05 9.25 33.29
N THR B 349 22.03 9.58 32.48
CA THR B 349 20.91 8.69 32.36
C THR B 349 20.90 8.07 30.98
N VAL B 350 20.96 6.74 30.99
CA VAL B 350 21.06 5.95 29.79
C VAL B 350 19.78 5.12 29.59
N THR B 351 19.22 5.12 28.39
CA THR B 351 18.13 4.21 28.12
C THR B 351 18.52 3.19 27.08
N VAL B 352 17.83 2.07 27.14
CA VAL B 352 17.98 1.00 26.18
C VAL B 352 16.65 0.85 25.50
N MET B 353 16.63 1.14 24.21
CA MET B 353 15.40 1.18 23.42
C MET B 353 15.39 0.28 22.20
N PRO B 354 14.21 -0.13 21.75
CA PRO B 354 14.05 -0.89 20.50
C PRO B 354 13.95 0.04 19.29
N CYS B 355 14.40 1.28 19.48
CA CYS B 355 14.01 2.36 18.62
C CYS B 355 15.18 3.29 18.27
N THR B 356 15.27 3.67 16.98
CA THR B 356 16.21 4.69 16.56
C THR B 356 15.70 6.11 16.77
N SER B 357 14.39 6.30 16.72
CA SER B 357 13.79 7.65 16.81
C SER B 357 13.99 8.27 18.21
N LYS B 358 14.07 7.40 19.21
CA LYS B 358 14.39 7.78 20.61
C LYS B 358 15.73 8.53 20.80
N LYS B 359 16.71 8.32 19.92
CA LYS B 359 17.95 9.07 19.99
C LYS B 359 17.71 10.53 19.62
N PHE B 360 16.80 10.74 18.68
CA PHE B 360 16.51 12.06 18.22
C PHE B 360 15.72 12.78 19.31
N GLU B 361 14.75 12.09 19.90
CA GLU B 361 13.95 12.63 20.99
C GLU B 361 14.84 13.03 22.17
N ALA B 362 15.79 12.17 22.52
CA ALA B 362 16.66 12.42 23.67
C ALA B 362 17.59 13.63 23.45
N ASP B 363 17.86 13.92 22.18
CA ASP B 363 18.76 15.00 21.83
C ASP B 363 18.00 16.26 21.42
N ARG B 364 16.67 16.31 21.63
CA ARG B 364 15.91 17.54 21.39
C ARG B 364 16.36 18.66 22.33
N PRO B 365 16.67 19.84 21.78
CA PRO B 365 17.22 20.96 22.57
C PRO B 365 16.50 21.26 23.86
N GLN B 366 15.17 21.32 23.86
CA GLN B 366 14.47 21.70 25.07
C GLN B 366 14.18 20.52 26.00
N MET B 367 14.65 19.32 25.67
CA MET B 367 14.48 18.15 26.56
C MET B 367 15.55 18.14 27.66
N GLU B 368 15.44 19.12 28.54
CA GLU B 368 16.41 19.39 29.58
C GLU B 368 15.87 20.48 30.50
N LYS B 369 16.42 20.54 31.71
CA LYS B 369 15.97 21.42 32.76
C LYS B 369 17.21 21.85 33.54
N ASP B 370 17.40 23.17 33.68
CA ASP B 370 18.50 23.75 34.46
C ASP B 370 19.86 23.23 34.01
N GLY B 371 20.04 23.14 32.70
CA GLY B 371 21.30 22.66 32.14
C GLY B 371 21.47 21.13 32.10
N LEU B 372 20.51 20.40 32.65
CA LEU B 372 20.65 18.95 32.71
C LEU B 372 19.74 18.21 31.70
N ARG B 373 20.34 17.41 30.81
CA ARG B 373 19.56 16.67 29.82
C ARG B 373 18.65 15.68 30.57
N ASP B 374 17.38 15.57 30.18
CA ASP B 374 16.52 14.47 30.68
C ASP B 374 17.21 13.13 30.52
N ILE B 375 17.76 12.89 29.31
CA ILE B 375 18.33 11.62 28.88
C ILE B 375 19.67 11.89 28.18
N ASP B 376 20.75 11.27 28.65
CA ASP B 376 22.07 11.62 28.16
C ASP B 376 22.55 10.70 27.02
N ALA B 377 21.98 9.50 26.96
CA ALA B 377 22.31 8.58 25.88
C ALA B 377 21.21 7.55 25.71
N VAL B 378 21.09 7.06 24.49
CA VAL B 378 20.13 6.07 24.16
C VAL B 378 20.84 5.04 23.33
N ILE B 379 20.83 3.78 23.78
CA ILE B 379 21.37 2.70 22.99
C ILE B 379 20.26 1.72 22.57
N THR B 380 20.40 1.19 21.36
CA THR B 380 19.39 0.27 20.87
C THR B 380 19.55 -1.10 21.51
N THR B 381 18.53 -1.92 21.36
CA THR B 381 18.60 -3.32 21.74
C THR B 381 19.85 -3.96 21.16
N ARG B 382 20.13 -3.68 19.88
CA ARG B 382 21.31 -4.23 19.22
C ARG B 382 22.62 -3.73 19.86
N GLU B 383 22.67 -2.45 20.21
CA GLU B 383 23.87 -1.88 20.81
C GLU B 383 24.14 -2.50 22.17
N LEU B 384 23.08 -2.72 22.97
CA LEU B 384 23.26 -3.31 24.30
C LEU B 384 23.76 -4.74 24.13
N ALA B 385 23.24 -5.45 23.16
CA ALA B 385 23.68 -6.84 22.89
C ALA B 385 25.17 -6.83 22.59
N LYS B 386 25.64 -5.84 21.84
CA LYS B 386 27.04 -5.77 21.45
C LYS B 386 27.90 -5.43 22.66
N MET B 387 27.43 -4.55 23.54
CA MET B 387 28.21 -4.20 24.70
C MET B 387 28.35 -5.39 25.63
N ILE B 388 27.30 -6.19 25.71
CA ILE B 388 27.30 -7.34 26.57
C ILE B 388 28.29 -8.38 26.03
N LYS B 389 28.24 -8.62 24.73
CA LYS B 389 29.19 -9.52 24.09
C LYS B 389 30.63 -9.01 24.20
N ASP B 390 30.91 -7.75 23.90
CA ASP B 390 32.26 -7.22 24.07
C ASP B 390 32.79 -7.36 25.49
N ALA B 391 31.91 -7.27 26.50
CA ALA B 391 32.30 -7.40 27.91
C ALA B 391 32.43 -8.84 28.39
N LYS B 392 32.24 -9.80 27.49
CA LYS B 392 32.35 -11.24 27.78
C LYS B 392 31.40 -11.68 28.89
N ILE B 393 30.24 -11.04 28.94
CA ILE B 393 29.15 -11.43 29.85
C ILE B 393 28.37 -12.62 29.28
N PRO B 394 28.32 -13.74 30.04
CA PRO B 394 27.67 -14.97 29.57
C PRO B 394 26.14 -14.89 29.69
N PHE B 395 25.55 -13.98 28.92
CA PHE B 395 24.14 -13.59 29.03
C PHE B 395 23.18 -14.74 29.30
N ALA B 396 23.20 -15.72 28.42
CA ALA B 396 22.26 -16.83 28.48
C ALA B 396 22.50 -17.70 29.72
N LYS B 397 23.58 -17.44 30.47
CA LYS B 397 23.90 -18.24 31.66
C LYS B 397 23.62 -17.50 32.95
N LEU B 398 23.28 -16.22 32.85
CA LEU B 398 23.15 -15.40 34.05
C LEU B 398 21.94 -15.78 34.89
N GLU B 399 22.09 -15.60 36.20
CA GLU B 399 21.00 -15.69 37.14
C GLU B 399 20.15 -14.42 37.05
N ASP B 400 18.87 -14.53 37.39
CA ASP B 400 18.00 -13.35 37.43
C ASP B 400 18.38 -12.48 38.60
N SER B 401 18.14 -11.19 38.46
CA SER B 401 18.19 -10.27 39.56
C SER B 401 17.08 -9.25 39.35
N GLU B 402 16.96 -8.29 40.26
CA GLU B 402 15.85 -7.35 40.19
C GLU B 402 16.35 -5.94 39.95
N ALA B 403 15.43 -5.07 39.55
CA ALA B 403 15.74 -3.66 39.38
C ALA B 403 15.83 -3.04 40.76
N ASP B 404 16.58 -1.96 40.89
CA ASP B 404 16.45 -1.12 42.07
C ASP B 404 15.04 -0.50 42.08
N PRO B 405 14.31 -0.67 43.20
CA PRO B 405 12.86 -0.42 43.16
C PRO B 405 12.39 1.03 42.98
N ALA B 406 13.16 2.02 43.43
CA ALA B 406 12.63 3.39 43.55
C ALA B 406 12.13 3.98 42.23
N MET B 407 12.86 3.77 41.13
CA MET B 407 12.34 4.07 39.78
C MET B 407 12.40 2.84 38.89
N GLY B 408 12.16 1.66 39.47
CA GLY B 408 12.35 0.39 38.79
C GLY B 408 11.12 -0.52 38.79
N GLU B 409 10.25 -0.33 39.77
CA GLU B 409 9.00 -1.08 39.85
C GLU B 409 8.11 -0.69 38.67
N TYR B 410 7.33 -1.64 38.16
CA TYR B 410 6.28 -1.30 37.20
C TYR B 410 5.06 -2.19 37.29
N SER B 411 3.92 -1.62 36.90
CA SER B 411 2.65 -2.29 36.84
C SER B 411 2.51 -2.98 35.50
N GLY B 412 1.52 -3.85 35.39
CA GLY B 412 1.21 -4.53 34.15
C GLY B 412 0.75 -3.59 33.07
N ALA B 413 0.24 -2.42 33.46
CA ALA B 413 -0.22 -1.46 32.47
C ALA B 413 1.00 -0.90 31.74
N GLY B 414 2.03 -0.54 32.50
CA GLY B 414 3.30 -0.12 31.95
C GLY B 414 3.95 -1.23 31.10
N ALA B 415 3.82 -2.48 31.55
CA ALA B 415 4.45 -3.60 30.86
C ALA B 415 4.03 -3.77 29.39
N ILE B 416 2.77 -3.48 29.08
CA ILE B 416 2.24 -3.74 27.74
C ILE B 416 2.45 -2.60 26.76
N PHE B 417 3.16 -1.54 27.21
CA PHE B 417 3.40 -0.33 26.40
C PHE B 417 4.01 -0.69 25.04
N GLY B 418 4.88 -1.68 25.01
CA GLY B 418 5.56 -2.04 23.77
C GLY B 418 4.75 -2.66 22.66
N ALA B 419 3.50 -3.02 22.89
CA ALA B 419 2.63 -3.57 21.84
C ALA B 419 1.66 -2.55 21.37
N THR B 420 1.37 -2.56 20.07
CA THR B 420 0.32 -1.68 19.56
C THR B 420 -0.97 -1.85 20.37
N GLY B 421 -1.51 -0.74 20.86
CA GLY B 421 -2.70 -0.74 21.70
C GLY B 421 -2.41 -0.85 23.19
N GLY B 422 -1.14 -0.97 23.51
CA GLY B 422 -0.71 -1.08 24.89
C GLY B 422 -0.90 0.24 25.66
N VAL B 423 -0.46 1.35 25.08
CA VAL B 423 -0.63 2.67 25.71
C VAL B 423 -2.13 2.94 25.90
N MET B 424 -2.96 2.61 24.91
CA MET B 424 -4.42 2.84 25.00
C MET B 424 -5.01 2.07 26.17
N GLU B 425 -4.72 0.78 26.25
CA GLU B 425 -5.24 -0.05 27.31
C GLU B 425 -4.78 0.40 28.68
N ALA B 426 -3.50 0.76 28.80
CA ALA B 426 -2.93 1.20 30.07
C ALA B 426 -3.57 2.51 30.53
N ALA B 427 -3.70 3.45 29.59
CA ALA B 427 -4.34 4.73 29.85
C ALA B 427 -5.81 4.59 30.24
N LEU B 428 -6.55 3.67 29.61
CA LEU B 428 -7.97 3.52 29.94
C LEU B 428 -8.15 2.90 31.33
N ARG B 429 -7.30 1.96 31.70
CA ARG B 429 -7.34 1.42 33.06
C ARG B 429 -7.29 2.50 34.16
N SER B 430 -6.45 3.49 34.00
CA SER B 430 -6.34 4.57 34.98
C SER B 430 -7.39 5.67 34.77
N ALA B 431 -7.66 6.03 33.51
CA ALA B 431 -8.61 7.11 33.19
C ALA B 431 -9.98 6.77 33.73
N LYS B 432 -10.38 5.51 33.62
CA LYS B 432 -11.69 5.11 34.09
C LYS B 432 -11.75 5.15 35.62
N ASP B 433 -10.76 4.56 36.30
CA ASP B 433 -10.71 4.67 37.78
C ASP B 433 -10.70 6.13 38.23
N PHE B 434 -9.91 6.99 37.58
CA PHE B 434 -9.87 8.41 37.94
C PHE B 434 -11.20 9.13 37.76
N ALA B 435 -11.83 8.93 36.60
CA ALA B 435 -13.05 9.63 36.28
C ALA B 435 -14.17 9.22 37.22
N GLU B 436 -14.21 7.93 37.57
CA GLU B 436 -15.32 7.35 38.33
C GLU B 436 -15.00 7.25 39.82
N ASN B 437 -13.82 7.75 40.19
CA ASN B 437 -13.30 7.60 41.54
C ASN B 437 -13.53 6.19 42.07
N ALA B 438 -13.07 5.21 41.30
CA ALA B 438 -13.35 3.81 41.61
C ALA B 438 -12.13 2.93 41.40
N GLU B 439 -12.24 1.71 41.87
CA GLU B 439 -11.22 0.70 41.61
C GLU B 439 -11.87 -0.44 40.84
N LEU B 440 -11.97 -0.28 39.54
CA LEU B 440 -12.71 -1.24 38.72
C LEU B 440 -11.94 -2.52 38.48
N GLU B 441 -12.67 -3.63 38.45
CA GLU B 441 -12.05 -4.94 38.28
C GLU B 441 -11.90 -5.34 36.82
N ASP B 442 -12.71 -4.80 35.92
CA ASP B 442 -12.61 -5.21 34.52
C ASP B 442 -11.65 -4.25 33.86
N ILE B 443 -10.49 -4.78 33.50
CA ILE B 443 -9.40 -3.97 33.00
C ILE B 443 -8.80 -4.41 31.69
N GLU B 444 -9.25 -5.52 31.13
CA GLU B 444 -8.71 -5.97 29.84
C GLU B 444 -9.47 -5.39 28.63
N TYR B 445 -8.77 -4.62 27.79
CA TYR B 445 -9.36 -3.98 26.62
C TYR B 445 -8.87 -4.66 25.35
N LYS B 446 -9.34 -5.88 25.10
CA LYS B 446 -8.78 -6.68 24.04
C LYS B 446 -9.13 -6.11 22.67
N GLN B 447 -10.18 -5.31 22.58
CA GLN B 447 -10.57 -4.80 21.30
C GLN B 447 -9.53 -3.83 20.72
N VAL B 448 -8.61 -3.29 21.53
CA VAL B 448 -7.62 -2.37 20.96
C VAL B 448 -6.28 -3.09 20.68
N ARG B 449 -6.28 -4.40 20.92
CA ARG B 449 -5.07 -5.21 20.74
C ARG B 449 -4.96 -5.79 19.32
N GLY B 450 -3.80 -6.37 19.02
CA GLY B 450 -3.56 -7.06 17.78
C GLY B 450 -3.04 -6.20 16.64
N LEU B 451 -2.81 -6.84 15.52
CA LEU B 451 -2.11 -6.24 14.37
C LEU B 451 -2.99 -5.59 13.30
N ASN B 452 -4.30 -5.46 13.53
CA ASN B 452 -5.10 -4.66 12.61
C ASN B 452 -4.54 -3.25 12.58
N GLY B 453 -4.51 -2.65 11.40
CA GLY B 453 -3.80 -1.39 11.18
C GLY B 453 -4.47 -0.20 11.86
N ILE B 454 -5.78 -0.26 11.94
CA ILE B 454 -6.62 0.78 12.54
C ILE B 454 -7.65 0.06 13.37
N LYS B 455 -7.61 0.33 14.67
CA LYS B 455 -8.49 -0.33 15.63
C LYS B 455 -9.29 0.73 16.36
N GLU B 456 -10.59 0.53 16.49
CA GLU B 456 -11.43 1.44 17.26
C GLU B 456 -12.23 0.71 18.33
N ALA B 457 -12.67 1.47 19.34
CA ALA B 457 -13.54 0.97 20.38
C ALA B 457 -14.36 2.13 20.96
N GLU B 458 -15.53 1.76 21.46
CA GLU B 458 -16.38 2.65 22.26
C GLU B 458 -16.14 2.27 23.70
N VAL B 459 -15.86 3.26 24.54
CA VAL B 459 -15.58 3.03 25.96
C VAL B 459 -16.54 3.86 26.80
N GLU B 460 -17.05 3.26 27.86
CA GLU B 460 -17.94 3.98 28.78
C GLU B 460 -17.14 4.49 29.97
N ILE B 461 -17.21 5.80 30.19
CA ILE B 461 -16.48 6.44 31.28
C ILE B 461 -17.49 7.36 31.97
N ASN B 462 -17.81 7.04 33.23
CA ASN B 462 -18.68 7.89 34.03
C ASN B 462 -20.05 8.02 33.37
N ASN B 463 -20.60 6.89 32.96
CA ASN B 463 -21.89 6.79 32.26
C ASN B 463 -21.97 7.43 30.86
N ASN B 464 -20.85 7.93 30.33
CA ASN B 464 -20.82 8.49 28.97
C ASN B 464 -20.01 7.64 27.98
N LYS B 465 -20.42 7.61 26.71
CA LYS B 465 -19.68 6.88 25.66
C LYS B 465 -18.58 7.76 25.06
N TYR B 466 -17.40 7.18 24.87
CA TYR B 466 -16.31 7.89 24.24
C TYR B 466 -15.72 7.00 23.16
N ASN B 467 -15.18 7.63 22.13
CA ASN B 467 -14.57 6.94 21.00
C ASN B 467 -13.06 7.01 21.05
N VAL B 468 -12.44 5.84 20.97
CA VAL B 468 -10.98 5.76 20.86
C VAL B 468 -10.57 4.98 19.61
N ALA B 469 -9.35 5.25 19.18
CA ALA B 469 -8.73 4.65 18.00
C ALA B 469 -7.27 4.32 18.32
N VAL B 470 -6.79 3.17 17.83
CA VAL B 470 -5.39 2.83 17.89
C VAL B 470 -4.91 2.71 16.44
N ILE B 471 -3.95 3.56 16.12
CA ILE B 471 -3.36 3.61 14.79
C ILE B 471 -2.04 2.83 14.88
N ASN B 472 -1.97 1.72 14.14
CA ASN B 472 -0.86 0.80 14.21
C ASN B 472 0.02 0.91 12.94
N GLY B 473 0.98 1.83 12.99
CA GLY B 473 1.95 2.05 11.92
C GLY B 473 1.70 3.36 11.19
N ALA B 474 2.79 4.02 10.84
CA ALA B 474 2.76 5.37 10.24
C ALA B 474 1.92 5.43 8.93
N SER B 475 1.95 4.39 8.12
CA SER B 475 1.14 4.37 6.91
C SER B 475 -0.35 4.33 7.24
N ASN B 476 -0.67 3.68 8.35
CA ASN B 476 -2.05 3.67 8.78
C ASN B 476 -2.52 5.02 9.35
N LEU B 477 -1.59 5.84 9.85
CA LEU B 477 -1.96 7.19 10.26
C LEU B 477 -2.42 7.97 9.00
N PHE B 478 -1.63 7.87 7.94
CA PHE B 478 -1.93 8.53 6.68
C PHE B 478 -3.27 8.01 6.15
N LYS B 479 -3.46 6.70 6.16
CA LYS B 479 -4.76 6.16 5.70
C LYS B 479 -5.92 6.73 6.54
N PHE B 480 -5.77 6.72 7.86
CA PHE B 480 -6.79 7.19 8.77
C PHE B 480 -7.19 8.66 8.54
N MET B 481 -6.20 9.51 8.33
CA MET B 481 -6.45 10.91 8.03
C MET B 481 -6.96 11.16 6.59
N LYS B 482 -6.27 10.61 5.60
CA LYS B 482 -6.52 10.95 4.18
C LYS B 482 -7.85 10.41 3.69
N SER B 483 -8.23 9.27 4.25
CA SER B 483 -9.51 8.66 3.95
C SER B 483 -10.68 9.37 4.59
N GLY B 484 -10.40 10.29 5.50
CA GLY B 484 -11.47 10.93 6.26
C GLY B 484 -12.07 10.10 7.39
N MET B 485 -11.43 9.01 7.77
CA MET B 485 -11.99 8.15 8.80
C MET B 485 -12.08 8.92 10.11
N ILE B 486 -11.14 9.84 10.26
CA ILE B 486 -11.10 10.70 11.39
C ILE B 486 -12.44 11.46 11.58
N ASN B 487 -13.17 11.72 10.50
CA ASN B 487 -14.41 12.51 10.61
C ASN B 487 -15.72 11.73 10.57
N GLU B 488 -15.64 10.40 10.61
CA GLU B 488 -16.86 9.62 10.68
C GLU B 488 -17.52 9.73 12.02
N LYS B 489 -16.75 10.13 13.02
CA LYS B 489 -17.28 10.31 14.37
C LYS B 489 -16.32 11.21 15.16
N GLN B 490 -16.74 11.64 16.35
CA GLN B 490 -15.87 12.37 17.24
C GLN B 490 -14.99 11.42 18.01
N TYR B 491 -13.70 11.44 17.70
CA TYR B 491 -12.72 10.71 18.44
C TYR B 491 -12.27 11.53 19.65
N HIS B 492 -12.15 10.84 20.77
CA HIS B 492 -11.70 11.46 22.00
C HIS B 492 -10.27 11.16 22.36
N PHE B 493 -9.81 9.95 22.06
CA PHE B 493 -8.45 9.58 22.44
C PHE B 493 -7.89 8.64 21.42
N ILE B 494 -6.72 8.99 20.87
CA ILE B 494 -6.11 8.23 19.78
C ILE B 494 -4.62 7.91 20.05
N GLU B 495 -4.29 6.62 20.11
CA GLU B 495 -2.90 6.18 20.11
C GLU B 495 -2.38 6.06 18.69
N VAL B 496 -1.14 6.52 18.47
CA VAL B 496 -0.42 6.36 17.23
C VAL B 496 0.98 5.80 17.51
N MET B 497 1.35 4.71 16.84
CA MET B 497 2.70 4.17 16.85
C MET B 497 3.18 4.22 15.41
N ALA B 498 4.41 4.65 15.19
CA ALA B 498 4.94 4.72 13.82
C ALA B 498 5.29 3.31 13.25
N CYS B 499 5.60 2.39 14.13
CA CYS B 499 6.05 1.07 13.73
C CYS B 499 4.91 0.12 13.84
N HIS B 500 4.62 -0.63 12.77
CA HIS B 500 3.51 -1.57 12.79
C HIS B 500 3.80 -2.69 13.76
N GLY B 501 2.86 -2.98 14.66
CA GLY B 501 3.12 -3.89 15.78
C GLY B 501 3.43 -3.16 17.06
N GLY B 502 3.76 -1.86 16.96
CA GLY B 502 4.22 -1.11 18.12
C GLY B 502 5.74 -1.25 18.27
N CYS B 503 6.25 -0.77 19.41
CA CYS B 503 7.69 -0.75 19.64
C CYS B 503 8.37 -2.12 19.57
N VAL B 504 7.65 -3.21 19.81
CA VAL B 504 8.28 -4.54 19.64
C VAL B 504 8.83 -4.72 18.24
N ASN B 505 8.29 -4.01 17.24
CA ASN B 505 8.84 -4.02 15.89
C ASN B 505 9.63 -2.77 15.53
N GLY B 506 10.22 -2.13 16.53
CA GLY B 506 10.98 -0.92 16.30
C GLY B 506 12.29 -1.06 15.51
N GLY B 507 12.82 0.07 15.10
CA GLY B 507 13.96 0.11 14.19
C GLY B 507 15.30 -0.19 14.84
N GLY B 508 15.32 -0.31 16.15
CA GLY B 508 16.53 -0.68 16.88
C GLY B 508 16.57 -2.14 17.35
N GLN B 509 15.60 -2.91 16.90
CA GLN B 509 15.42 -4.28 17.31
C GLN B 509 16.37 -5.24 16.60
N PRO B 510 16.52 -6.45 17.15
CA PRO B 510 17.34 -7.43 16.43
C PRO B 510 16.81 -7.68 15.00
N HIS B 511 17.73 -7.76 14.06
CA HIS B 511 17.41 -8.22 12.73
C HIS B 511 16.92 -9.67 12.76
N VAL B 512 15.99 -10.02 11.90
CA VAL B 512 15.48 -11.38 11.78
C VAL B 512 15.64 -11.78 10.30
N ASN B 513 16.24 -12.94 10.03
CA ASN B 513 16.36 -13.44 8.65
C ASN B 513 14.96 -13.54 8.00
N PRO B 514 14.81 -13.08 6.75
CA PRO B 514 13.52 -13.23 6.05
C PRO B 514 12.92 -14.65 6.13
N LYS B 515 13.76 -15.67 6.30
CA LYS B 515 13.25 -17.04 6.40
C LYS B 515 12.66 -17.32 7.77
N ASP B 516 13.33 -16.87 8.83
CA ASP B 516 12.78 -16.94 10.18
C ASP B 516 11.46 -16.18 10.19
N LEU B 517 11.39 -15.09 9.44
CA LEU B 517 10.19 -14.28 9.41
C LEU B 517 8.98 -15.05 8.86
N GLU B 518 9.22 -16.09 8.10
CA GLU B 518 8.13 -16.80 7.47
C GLU B 518 7.77 -18.03 8.33
N LYS B 519 8.48 -18.20 9.44
CA LYS B 519 8.19 -19.26 10.40
C LYS B 519 7.68 -18.72 11.73
N VAL B 520 8.02 -17.47 12.05
CA VAL B 520 7.61 -16.84 13.32
C VAL B 520 6.92 -15.49 13.08
N ASP B 521 5.82 -15.23 13.77
CA ASP B 521 5.19 -13.90 13.73
C ASP B 521 5.90 -13.03 14.79
N ILE B 522 6.92 -12.29 14.36
CA ILE B 522 7.80 -11.62 15.30
C ILE B 522 7.05 -10.58 16.15
N LYS B 523 6.07 -9.92 15.54
CA LYS B 523 5.34 -8.83 16.21
C LYS B 523 4.49 -9.45 17.32
N LYS B 524 3.90 -10.61 17.04
CA LYS B 524 3.03 -11.27 18.01
C LYS B 524 3.83 -11.90 19.14
N VAL B 525 4.93 -12.54 18.77
CA VAL B 525 5.68 -13.35 19.70
C VAL B 525 6.42 -12.47 20.69
N ARG B 526 6.92 -11.33 20.22
CA ARG B 526 7.54 -10.39 21.13
C ARG B 526 6.46 -9.79 22.03
N ALA B 527 5.36 -9.35 21.44
CA ALA B 527 4.30 -8.74 22.22
C ALA B 527 3.74 -9.71 23.29
N SER B 528 3.69 -11.01 23.00
CA SER B 528 3.07 -11.95 23.95
C SER B 528 3.84 -11.98 25.29
N VAL B 529 5.15 -11.75 25.26
CA VAL B 529 5.97 -11.61 26.48
C VAL B 529 5.45 -10.50 27.37
N LEU B 530 5.08 -9.39 26.75
CA LEU B 530 4.61 -8.24 27.48
C LEU B 530 3.21 -8.52 28.10
N TYR B 531 2.25 -9.00 27.31
CA TYR B 531 0.94 -9.35 27.86
C TYR B 531 1.07 -10.43 28.94
N ASN B 532 2.02 -11.33 28.78
CA ASN B 532 2.19 -12.34 29.79
C ASN B 532 2.68 -11.70 31.10
N GLN B 533 3.52 -10.66 31.02
CA GLN B 533 3.96 -10.03 32.26
C GLN B 533 2.76 -9.40 32.95
N ASP B 534 1.93 -8.72 32.17
CA ASP B 534 0.76 -8.02 32.70
C ASP B 534 -0.16 -8.98 33.44
N GLU B 535 -0.36 -10.15 32.86
CA GLU B 535 -1.26 -11.15 33.42
C GLU B 535 -0.76 -11.75 34.73
N HIS B 536 0.55 -11.79 34.90
CA HIS B 536 1.11 -12.30 36.14
C HIS B 536 1.49 -11.26 37.20
N LEU B 537 1.30 -9.98 36.92
CA LEU B 537 1.68 -8.93 37.88
C LEU B 537 0.54 -8.63 38.86
N SER B 538 0.86 -8.36 40.12
CA SER B 538 -0.19 -8.09 41.10
C SER B 538 -0.80 -6.71 40.84
N LYS B 539 0.05 -5.74 40.52
CA LYS B 539 -0.43 -4.41 40.18
C LYS B 539 -0.58 -4.30 38.66
N ARG B 540 -1.79 -4.13 38.16
CA ARG B 540 -2.00 -4.03 36.73
C ARG B 540 -2.54 -2.67 36.30
N LYS B 541 -2.36 -1.67 37.18
CA LYS B 541 -2.71 -0.30 36.88
C LYS B 541 -1.54 0.58 37.22
N SER B 542 -1.22 1.51 36.35
CA SER B 542 -0.11 2.41 36.63
C SER B 542 -0.19 3.16 37.96
N HIS B 543 -1.39 3.56 38.37
CA HIS B 543 -1.52 4.35 39.60
C HIS B 543 -1.46 3.46 40.87
N GLU B 544 -1.19 2.15 40.71
CA GLU B 544 -1.06 1.25 41.83
C GLU B 544 0.39 0.86 42.04
N ASN B 545 1.25 1.41 41.20
CA ASN B 545 2.68 1.19 41.29
C ASN B 545 3.16 1.86 42.59
N THR B 546 3.56 1.06 43.56
CA THR B 546 3.82 1.60 44.91
C THR B 546 5.00 2.55 44.93
N ALA B 547 6.07 2.23 44.23
CA ALA B 547 7.19 3.16 44.15
C ALA B 547 6.79 4.47 43.48
N LEU B 548 5.90 4.41 42.49
CA LEU B 548 5.45 5.61 41.79
C LEU B 548 4.59 6.44 42.72
N VAL B 549 3.70 5.75 43.43
CA VAL B 549 2.84 6.43 44.40
C VAL B 549 3.67 7.21 45.41
N LYS B 550 4.72 6.57 45.94
CA LYS B 550 5.61 7.25 46.87
C LYS B 550 6.25 8.49 46.26
N MET B 551 6.69 8.39 45.00
CA MET B 551 7.32 9.51 44.33
C MET B 551 6.36 10.69 44.19
N TYR B 552 5.11 10.42 43.80
CA TYR B 552 4.11 11.49 43.68
C TYR B 552 3.74 12.04 45.09
N GLN B 553 3.53 11.15 46.05
CA GLN B 553 3.22 11.62 47.40
C GLN B 553 4.34 12.47 48.00
N ASN B 554 5.59 12.11 47.73
CA ASN B 554 6.70 12.77 48.40
C ASN B 554 7.36 13.91 47.63
N TYR B 555 7.12 14.02 46.32
CA TYR B 555 7.92 14.94 45.53
C TYR B 555 7.11 15.69 44.49
N PHE B 556 6.32 14.98 43.69
CA PHE B 556 5.64 15.68 42.60
C PHE B 556 4.28 16.31 42.95
N GLY B 557 3.58 15.78 43.93
CA GLY B 557 2.23 16.21 44.23
C GLY B 557 1.23 15.46 43.36
N LYS B 558 0.15 16.13 42.99
CA LYS B 558 -0.88 15.49 42.17
C LYS B 558 -0.49 15.57 40.69
N PRO B 559 -0.78 14.49 39.93
CA PRO B 559 -0.48 14.54 38.49
C PRO B 559 -1.25 15.62 37.73
N GLY B 560 -0.63 16.17 36.68
CA GLY B 560 -1.26 17.16 35.82
C GLY B 560 -1.50 18.50 36.47
N GLU B 561 -0.91 18.71 37.63
CA GLU B 561 -1.08 19.94 38.40
C GLU B 561 0.26 20.35 38.97
N GLY B 562 0.45 21.65 39.14
CA GLY B 562 1.61 22.15 39.86
C GLY B 562 2.94 21.67 39.31
N ARG B 563 3.72 21.08 40.20
CA ARG B 563 5.06 20.62 39.88
C ARG B 563 5.06 19.55 38.81
N ALA B 564 4.10 18.64 38.88
CA ALA B 564 4.05 17.52 37.94
C ALA B 564 3.85 18.13 36.57
N HIS B 565 2.93 19.10 36.50
CA HIS B 565 2.62 19.74 35.25
C HIS B 565 3.78 20.58 34.77
N GLU B 566 4.54 21.20 35.68
CA GLU B 566 5.56 22.13 35.25
C GLU B 566 6.79 21.41 34.69
N ILE B 567 7.18 20.27 35.23
CA ILE B 567 8.40 19.64 34.72
C ILE B 567 8.20 18.31 33.98
N LEU B 568 7.06 17.64 34.16
CA LEU B 568 6.87 16.34 33.51
C LEU B 568 6.14 16.42 32.15
N HIS B 569 5.85 17.64 31.71
CA HIS B 569 5.11 17.88 30.47
C HIS B 569 5.97 18.60 29.43
N PHE B 570 5.54 18.51 28.18
CA PHE B 570 6.28 19.07 27.05
C PHE B 570 5.29 19.32 25.93
N LYS B 571 5.19 20.55 25.44
CA LYS B 571 4.32 20.83 24.29
C LYS B 571 5.12 21.14 23.02
N TYR B 572 4.63 20.67 21.88
CA TYR B 572 5.27 20.97 20.60
C TYR B 572 4.71 22.25 19.94
FE1 SF4 C . -9.20 4.44 -18.55
FE2 SF4 C . -8.03 2.81 -16.71
FE3 SF4 C . -6.56 4.64 -18.07
FE4 SF4 C . -7.59 2.44 -19.42
S1 SF4 C . -6.03 2.42 -17.72
S2 SF4 C . -7.59 4.64 -20.12
S3 SF4 C . -9.56 2.18 -18.35
S4 SF4 C . -8.21 5.10 -16.61
FE1 SF4 D . -10.29 6.80 -9.21
FE2 SF4 D . -10.24 7.48 -6.50
FE3 SF4 D . -12.64 6.93 -7.72
FE4 SF4 D . -11.30 9.26 -8.28
S1 SF4 D . -12.24 8.67 -6.28
S2 SF4 D . -12.30 7.83 -9.80
S3 SF4 D . -9.09 8.54 -8.18
S4 SF4 D . -10.88 5.44 -7.42
FE1 SF4 E . -20.53 2.00 -2.60
FE2 SF4 E . -19.75 1.25 -0.07
FE3 SF4 E . -21.21 3.57 -0.49
FE4 SF4 E . -18.59 3.42 -1.32
S1 SF4 E . -19.33 3.30 0.86
S2 SF4 E . -20.40 4.22 -2.54
S3 SF4 E . -18.42 1.26 -1.96
S4 SF4 E . -21.91 1.44 -0.86
FE1 SF4 F . -30.40 -1.53 -3.65
FE2 SF4 F . -29.08 -3.49 -5.00
FE3 SF4 F . -30.31 -1.47 -6.41
FE4 SF4 F . -31.83 -3.36 -5.13
S1 SF4 F . -30.38 -3.71 -6.88
S2 SF4 F . -32.16 -1.09 -5.09
S3 SF4 F . -30.54 -3.79 -3.27
S4 SF4 F . -28.54 -1.25 -4.99
FE1 FES G . -16.15 -8.34 8.11
FE2 FES G . -17.48 -6.24 7.09
S1 FES G . -16.70 -6.47 9.12
S2 FES G . -17.13 -8.21 6.14
O7 4WX H . -7.14 1.62 -28.10
C7 4WX H . -7.13 2.18 -27.10
FE2 4WX H . -7.12 2.89 -25.48
C5 4WX H . -8.88 2.34 -25.24
O5 4WX H . -10.00 2.23 -25.65
C6 4WX H . -7.86 4.59 -25.97
N6 4WX H . -8.29 5.53 -26.41
S1 4WX H . -6.21 0.92 -24.57
S2 4WX H . -7.01 3.80 -23.33
FE1 4WX H . -8.07 1.77 -23.36
C3 4WX H . -9.51 2.48 -22.73
O3 4WX H . -10.38 2.98 -22.06
C4 4WX H . -8.83 0.14 -23.74
N4 4WX H . -9.36 -0.93 -23.96
C2 4WX H . -5.21 3.47 -22.81
S3 4WX H . -4.15 3.01 -23.82
C1 4WX H . -4.59 1.56 -23.91
MG MG I . -30.19 7.12 -36.89
MG MG J . -9.50 -4.01 8.99
FE1 SF4 K . 10.12 4.13 18.21
FE2 SF4 K . 8.64 2.62 16.54
FE3 SF4 K . 7.54 4.80 17.72
FE4 SF4 K . 8.15 2.58 19.25
S1 SF4 K . 6.63 2.72 17.55
S2 SF4 K . 8.59 4.78 19.72
S3 SF4 K . 10.03 1.85 18.19
S4 SF4 K . 9.26 4.81 16.22
FE1 SF4 L . 11.59 5.40 8.68
FE2 SF4 L . 11.62 5.88 5.95
FE3 SF4 L . 13.84 4.91 7.23
FE4 SF4 L . 13.04 7.53 7.54
S1 SF4 L . 13.79 6.60 5.64
S2 SF4 L . 13.74 6.03 9.19
S3 SF4 L . 10.73 7.27 7.50
S4 SF4 L . 11.86 3.84 7.07
FE1 SF4 M . 20.57 -1.82 2.58
FE2 SF4 M . 19.58 -2.60 0.12
FE3 SF4 M . 21.48 -0.58 0.32
FE4 SF4 M . 18.90 -0.16 1.15
S1 SF4 M . 19.59 -0.56 -0.99
S2 SF4 M . 20.83 0.40 2.29
S3 SF4 M . 18.36 -2.21 2.01
S4 SF4 M . 21.76 -2.76 0.86
FE1 SF4 N . 29.58 -7.06 3.90
FE2 SF4 N . 27.94 -8.58 5.43
FE3 SF4 N . 29.52 -6.75 6.66
FE4 SF4 N . 30.66 -8.95 5.53
S1 SF4 N . 29.19 -8.91 7.29
S2 SF4 N . 31.38 -6.81 5.31
S3 SF4 N . 29.30 -9.29 3.72
S4 SF4 N . 27.80 -6.30 5.21
FE1 FES O . 13.89 -12.10 -7.08
FE2 FES O . 15.66 -10.24 -6.32
S1 FES O . 14.77 -10.52 -8.32
S2 FES O . 14.91 -11.93 -5.13
O7 4WX P . 7.53 2.72 27.96
C7 4WX P . 7.71 3.15 26.90
FE2 4WX P . 7.83 3.69 25.24
C5 4WX P . 9.40 2.72 25.01
O5 4WX P . 10.47 2.44 25.48
C6 4WX P . 8.95 5.23 25.58
N6 4WX P . 9.40 6.23 25.90
S1 4WX P . 6.54 1.92 24.50
S2 4WX P . 7.91 4.45 23.04
FE1 4WX P . 8.52 2.20 23.22
C3 4WX P . 10.01 2.65 22.47
O3 4WX P . 11.07 2.73 21.88
C4 4WX P . 8.99 0.51 23.75
N4 4WX P . 9.17 -0.62 24.10
C2 4WX P . 6.08 4.53 22.53
S3 4WX P . 4.91 4.24 23.51
C1 4WX P . 5.06 2.74 23.74
MG MG Q . 31.41 4.27 36.65
MG MG R . 8.13 -6.61 -8.42
#